data_6N5B
#
_entry.id   6N5B
#
_cell.length_a   124.002
_cell.length_b   124.002
_cell.length_c   90.090
_cell.angle_alpha   90.000
_cell.angle_beta   90.000
_cell.angle_gamma   120.000
#
_symmetry.space_group_name_H-M   'P 31 2 1'
#
loop_
_entity.id
_entity.type
_entity.pdbx_description
1 polymer 'antibody heavy chain'
2 polymer 'antibody light chain'
3 polymer Hemagglutinin
4 non-polymer 2-acetamido-2-deoxy-beta-D-galactopyranose
#
loop_
_entity_poly.entity_id
_entity_poly.type
_entity_poly.pdbx_seq_one_letter_code
_entity_poly.pdbx_strand_id
1 'polypeptide(L)'
;EVQLQESGEGLVKPGGSLKLSCAASGFTFSNYDMSWVRQTPEKRLEWVAYISSGGDYIYYADTVKGRFTISRDNARNTLY
LQMSSLKSEDTAMYYCTRNYYYGSLPVWFAYWGQGTLVTVSGAAKTTPPSVYPLAPGSAAQTNSMVTLGCLVKGYFPEPV
TVTWNSGSLSSGVHTFPAVLQSDLYTLSSSVTVPSSTWPSETVTCNVAHPASSTKVDKKIVP
;
H
2 'polypeptide(L)'
;QAVVTQESALTTSPGETVTLTCRSSTGAVTTSNYANWVQEKPDHLFTGLIGGTNNRAPGVPARFSGSLIGDKAALTITGA
QTEDEAIYFCALWYSNHSWVFGGGTKLTVLGQPKGAPSVTLFPPSSEELETNKATLVCTITDFYPGVVTVDWKVDGTPVT
QGMETTQPSKQSNNKYMASSYLTLTARAWERHSSYSCQVTHEGHTVEKSLS
;
L
3 'polypeptide(L)'
;PLRLVDGQTCDIVNGALGSPGCDHLNGAEWDIFIERPTAVDTCYPFDVPDYQSLRSILANNGKFEFIAEEFQWSTVTQNG
GSNACKRANVNDFFNRLNWLTKSGSTYPLQNLTKINNGDYARLYIWGVHHPSTDQEQTNLYKNNPGRVTVSTKTSQTSVV
PNIGSRPWVRGLSSRISFYWTIVEPGDLIVFNTIGNLIAPRGHYKLNSQKKSTILNTAVPI
;
B
#
loop_
_chem_comp.id
_chem_comp.type
_chem_comp.name
_chem_comp.formula
NGA D-saccharide, beta linking 2-acetamido-2-deoxy-beta-D-galactopyranose 'C8 H15 N O6'
#
# COMPACT_ATOMS: atom_id res chain seq x y z
N GLU A 1 -0.48 8.67 13.25
CA GLU A 1 0.78 7.99 13.00
C GLU A 1 1.36 8.42 11.65
N VAL A 2 1.80 7.43 10.86
CA VAL A 2 2.21 7.70 9.50
C VAL A 2 0.98 8.00 8.67
N GLN A 3 1.01 9.11 7.93
CA GLN A 3 -0.20 9.55 7.25
C GLN A 3 0.11 10.27 5.96
N LEU A 4 -0.56 9.85 4.89
CA LEU A 4 -0.42 10.46 3.58
C LEU A 4 -1.81 10.79 3.04
N GLN A 5 -1.96 11.96 2.42
CA GLN A 5 -3.21 12.35 1.78
C GLN A 5 -2.92 13.02 0.46
N GLU A 6 -3.54 12.53 -0.60
CA GLU A 6 -3.37 13.10 -1.93
C GLU A 6 -4.25 14.33 -2.09
N SER A 7 -3.96 15.09 -3.15
CA SER A 7 -4.74 16.27 -3.50
C SER A 7 -4.42 16.65 -4.95
N GLY A 8 -5.33 17.41 -5.54
CA GLY A 8 -5.23 17.79 -6.92
C GLY A 8 -6.28 17.18 -7.84
N GLU A 9 -7.38 16.65 -7.30
CA GLU A 9 -8.39 16.01 -8.13
C GLU A 9 -9.00 17.01 -9.10
N GLY A 10 -9.21 16.58 -10.34
CA GLY A 10 -9.78 17.46 -11.33
C GLY A 10 -9.98 16.73 -12.64
N LEU A 11 -10.77 17.36 -13.50
CA LEU A 11 -10.99 16.88 -14.85
C LEU A 11 -10.00 17.55 -15.78
N VAL A 12 -9.36 16.76 -16.63
CA VAL A 12 -8.50 17.28 -17.67
C VAL A 12 -8.98 16.65 -18.97
N LYS A 13 -8.67 17.29 -20.05
CA LYS A 13 -8.99 16.75 -21.36
C LYS A 13 -7.81 15.98 -21.90
N PRO A 14 -8.03 15.04 -22.82
CA PRO A 14 -6.92 14.28 -23.40
C PRO A 14 -5.87 15.21 -24.01
N GLY A 15 -4.61 14.80 -23.88
CA GLY A 15 -3.51 15.57 -24.41
C GLY A 15 -3.04 16.72 -23.54
N GLY A 16 -3.78 17.06 -22.48
CA GLY A 16 -3.41 18.18 -21.63
C GLY A 16 -2.31 17.86 -20.63
N SER A 17 -2.44 18.40 -19.42
CA SER A 17 -1.46 18.17 -18.38
C SER A 17 -2.09 18.44 -17.03
N LEU A 18 -1.67 17.67 -16.02
CA LEU A 18 -2.18 17.82 -14.67
C LEU A 18 -1.09 17.40 -13.70
N LYS A 19 -0.99 18.10 -12.57
CA LYS A 19 0.06 17.85 -11.60
C LYS A 19 -0.56 17.41 -10.28
N LEU A 20 -0.09 16.29 -9.76
CA LEU A 20 -0.58 15.72 -8.52
C LEU A 20 0.41 15.97 -7.38
N SER A 21 -0.11 16.07 -6.16
CA SER A 21 0.70 16.34 -5.00
C SER A 21 0.28 15.43 -3.85
N CYS A 22 1.24 15.19 -2.94
CA CYS A 22 1.02 14.32 -1.78
C CYS A 22 1.70 14.95 -0.57
N ALA A 23 0.91 15.35 0.43
CA ALA A 23 1.43 15.97 1.63
C ALA A 23 1.74 14.88 2.65
N ALA A 24 3.02 14.73 2.98
CA ALA A 24 3.48 13.65 3.85
C ALA A 24 3.75 14.14 5.26
N SER A 25 3.51 13.26 6.22
CA SER A 25 3.70 13.59 7.63
C SER A 25 3.74 12.31 8.44
N GLY A 26 4.30 12.42 9.66
CA GLY A 26 4.43 11.28 10.53
C GLY A 26 5.75 10.53 10.41
N PHE A 27 6.69 11.05 9.62
CA PHE A 27 8.00 10.42 9.43
C PHE A 27 8.88 11.44 8.73
N THR A 28 10.19 11.22 8.82
CA THR A 28 11.14 12.09 8.14
C THR A 28 11.12 11.73 6.66
N PHE A 29 10.45 12.56 5.88
CA PHE A 29 10.12 12.23 4.48
C PHE A 29 11.36 12.00 3.62
N SER A 30 12.48 12.64 3.95
CA SER A 30 13.64 12.60 3.07
C SER A 30 14.44 11.30 3.17
N ASN A 31 14.11 10.40 4.09
CA ASN A 31 14.86 9.17 4.27
C ASN A 31 14.21 7.96 3.64
N TYR A 32 13.08 8.12 2.95
CA TYR A 32 12.29 6.99 2.49
C TYR A 32 11.97 7.10 1.00
N ASP A 33 11.75 5.94 0.39
CA ASP A 33 11.41 5.84 -1.02
C ASP A 33 9.91 5.97 -1.22
N MET A 34 9.52 6.59 -2.33
CA MET A 34 8.12 6.84 -2.64
C MET A 34 7.81 6.35 -4.05
N SER A 35 6.56 5.92 -4.23
CA SER A 35 6.07 5.47 -5.52
C SER A 35 4.63 5.98 -5.70
N TRP A 36 4.15 5.91 -6.94
CA TRP A 36 2.77 6.23 -7.25
C TRP A 36 2.12 4.99 -7.83
N VAL A 37 0.94 4.64 -7.32
CA VAL A 37 0.13 3.55 -7.84
C VAL A 37 -1.29 4.04 -8.06
N ARG A 38 -1.90 3.58 -9.15
CA ARG A 38 -3.22 4.00 -9.56
C ARG A 38 -4.15 2.80 -9.69
N GLN A 39 -5.45 3.08 -9.78
CA GLN A 39 -6.47 2.05 -9.88
C GLN A 39 -7.48 2.48 -10.93
N THR A 40 -7.46 1.80 -12.09
CA THR A 40 -8.39 2.10 -13.17
C THR A 40 -9.82 1.83 -12.72
N PRO A 41 -10.82 2.31 -13.46
CA PRO A 41 -12.21 1.95 -13.11
C PRO A 41 -12.46 0.46 -13.09
N GLU A 42 -11.66 -0.32 -13.83
CA GLU A 42 -11.76 -1.78 -13.81
C GLU A 42 -11.15 -2.41 -12.56
N LYS A 43 -10.86 -1.60 -11.54
CA LYS A 43 -10.36 -2.04 -10.24
C LYS A 43 -9.01 -2.74 -10.33
N ARG A 44 -8.27 -2.47 -11.37
CA ARG A 44 -6.97 -3.06 -11.46
C ARG A 44 -5.95 -2.12 -10.93
N LEU A 45 -4.89 -2.63 -10.34
CA LEU A 45 -3.83 -1.80 -9.78
C LEU A 45 -2.63 -1.80 -10.72
N GLU A 46 -1.95 -0.65 -10.80
CA GLU A 46 -0.85 -0.47 -11.74
C GLU A 46 0.15 0.53 -11.17
N TRP A 47 1.42 0.15 -11.15
CA TRP A 47 2.48 1.01 -10.64
C TRP A 47 2.95 1.94 -11.74
N VAL A 48 3.17 3.22 -11.40
CA VAL A 48 3.46 4.22 -12.41
C VAL A 48 4.73 5.03 -12.15
N ALA A 49 5.26 5.11 -10.94
CA ALA A 49 6.44 5.93 -10.73
C ALA A 49 7.17 5.48 -9.48
N TYR A 50 8.47 5.79 -9.43
CA TYR A 50 9.30 5.51 -8.26
C TYR A 50 10.36 6.60 -8.17
N ILE A 51 10.69 7.01 -6.94
CA ILE A 51 11.70 8.03 -6.71
C ILE A 51 12.46 7.69 -5.43
N SER A 52 13.77 7.90 -5.47
CA SER A 52 14.62 7.55 -4.34
C SER A 52 14.38 8.51 -3.17
N SER A 53 15.02 8.19 -2.04
CA SER A 53 14.93 9.07 -0.87
C SER A 53 15.62 10.41 -1.10
N GLY A 54 16.53 10.47 -2.08
CA GLY A 54 17.16 11.72 -2.47
C GLY A 54 16.85 12.17 -3.87
N GLY A 55 15.91 11.52 -4.56
CA GLY A 55 15.56 11.90 -5.91
C GLY A 55 16.61 11.61 -6.95
N ASP A 56 17.71 10.96 -6.58
CA ASP A 56 18.78 10.70 -7.53
C ASP A 56 18.37 9.64 -8.55
N TYR A 57 17.66 8.60 -8.11
CA TYR A 57 17.25 7.51 -8.97
C TYR A 57 15.73 7.53 -9.09
N ILE A 58 15.25 7.78 -10.30
CA ILE A 58 13.82 7.81 -10.61
C ILE A 58 13.55 6.81 -11.73
N TYR A 59 12.45 6.07 -11.61
CA TYR A 59 12.09 5.06 -12.59
C TYR A 59 10.59 5.09 -12.86
N TYR A 60 10.22 4.84 -14.11
CA TYR A 60 8.83 4.79 -14.54
C TYR A 60 8.59 3.48 -15.29
N ALA A 61 7.32 3.16 -15.49
CA ALA A 61 6.93 2.04 -16.33
C ALA A 61 6.84 2.49 -17.78
N ASP A 62 6.83 1.51 -18.69
CA ASP A 62 6.72 1.83 -20.11
C ASP A 62 5.40 2.52 -20.45
N THR A 63 4.37 2.32 -19.62
CA THR A 63 3.06 2.89 -19.93
C THR A 63 3.05 4.40 -19.84
N VAL A 64 3.91 4.99 -19.00
CA VAL A 64 3.92 6.43 -18.79
C VAL A 64 5.31 7.04 -18.96
N LYS A 65 6.32 6.26 -19.32
CA LYS A 65 7.67 6.80 -19.45
C LYS A 65 7.71 7.89 -20.50
N GLY A 66 8.47 8.95 -20.23
CA GLY A 66 8.53 10.09 -21.09
C GLY A 66 7.38 11.06 -20.94
N ARG A 67 6.25 10.60 -20.42
CA ARG A 67 5.07 11.44 -20.20
C ARG A 67 4.95 11.91 -18.76
N PHE A 68 5.23 11.05 -17.80
CA PHE A 68 5.13 11.39 -16.39
C PHE A 68 6.50 11.78 -15.84
N THR A 69 6.53 12.76 -14.96
CA THR A 69 7.77 13.23 -14.32
C THR A 69 7.51 13.36 -12.84
N ILE A 70 8.19 12.54 -12.03
CA ILE A 70 7.99 12.50 -10.59
C ILE A 70 9.04 13.37 -9.92
N SER A 71 8.64 14.01 -8.81
CA SER A 71 9.55 14.86 -8.07
C SER A 71 9.10 14.91 -6.61
N ARG A 72 9.99 15.42 -5.75
CA ARG A 72 9.69 15.58 -4.34
C ARG A 72 10.45 16.79 -3.80
N ASP A 73 9.88 17.40 -2.77
CA ASP A 73 10.47 18.56 -2.09
C ASP A 73 10.69 18.12 -0.65
N ASN A 74 11.86 17.54 -0.38
CA ASN A 74 12.14 16.98 0.95
C ASN A 74 12.04 18.01 2.06
N ALA A 75 12.15 19.30 1.73
CA ALA A 75 12.08 20.33 2.75
C ALA A 75 10.65 20.66 3.17
N ARG A 76 9.67 20.34 2.33
CA ARG A 76 8.27 20.52 2.66
C ARG A 76 7.54 19.21 2.92
N ASN A 77 8.19 18.08 2.68
CA ASN A 77 7.57 16.76 2.78
C ASN A 77 6.37 16.65 1.84
N THR A 78 6.66 16.82 0.55
CA THR A 78 5.64 16.83 -0.49
C THR A 78 6.11 16.00 -1.67
N LEU A 79 5.28 15.05 -2.08
CA LEU A 79 5.56 14.21 -3.23
C LEU A 79 4.75 14.72 -4.41
N TYR A 80 5.40 14.88 -5.56
CA TYR A 80 4.75 15.41 -6.75
C TYR A 80 4.72 14.38 -7.87
N LEU A 81 3.81 14.61 -8.82
CA LEU A 81 3.72 13.80 -10.02
C LEU A 81 3.21 14.69 -11.14
N GLN A 82 4.08 15.04 -12.07
CA GLN A 82 3.71 15.90 -13.20
C GLN A 82 3.25 15.01 -14.35
N MET A 83 1.95 15.04 -14.64
CA MET A 83 1.37 14.25 -15.71
C MET A 83 1.13 15.13 -16.93
N SER A 84 1.47 14.62 -18.10
CA SER A 84 1.33 15.37 -19.34
C SER A 84 1.07 14.40 -20.48
N SER A 85 0.65 14.97 -21.62
CA SER A 85 0.28 14.18 -22.80
C SER A 85 -0.73 13.09 -22.44
N LEU A 86 -1.72 13.49 -21.65
CA LEU A 86 -2.65 12.54 -21.05
C LEU A 86 -3.50 11.83 -22.10
N LYS A 87 -3.79 10.55 -21.84
CA LYS A 87 -4.72 9.78 -22.65
C LYS A 87 -5.90 9.30 -21.83
N SER A 88 -7.01 9.08 -22.55
CA SER A 88 -8.23 8.50 -21.99
C SER A 88 -7.96 7.44 -20.94
N GLU A 89 -7.08 6.48 -21.26
CA GLU A 89 -6.82 5.30 -20.45
C GLU A 89 -5.99 5.58 -19.22
N ASP A 90 -5.68 6.83 -18.91
CA ASP A 90 -5.00 7.17 -17.67
C ASP A 90 -5.98 7.40 -16.53
N THR A 91 -7.28 7.32 -16.78
CA THR A 91 -8.27 7.64 -15.77
C THR A 91 -8.19 6.62 -14.64
N ALA A 92 -7.95 7.10 -13.43
CA ALA A 92 -7.78 6.23 -12.27
C ALA A 92 -7.79 7.07 -11.01
N MET A 93 -7.82 6.39 -9.88
CA MET A 93 -7.58 7.01 -8.58
C MET A 93 -6.10 6.87 -8.28
N TYR A 94 -5.42 7.99 -8.08
CA TYR A 94 -3.98 8.00 -7.91
C TYR A 94 -3.62 7.99 -6.43
N TYR A 95 -2.82 7.02 -6.02
CA TYR A 95 -2.49 6.80 -4.62
C TYR A 95 -1.03 7.14 -4.33
N CYS A 96 -0.80 7.69 -3.14
CA CYS A 96 0.53 7.90 -2.61
C CYS A 96 0.96 6.61 -1.92
N THR A 97 2.21 6.21 -2.12
CA THR A 97 2.65 4.92 -1.59
C THR A 97 3.99 5.05 -0.86
N ARG A 98 4.30 4.06 -0.08
CA ARG A 98 5.54 4.03 0.68
C ARG A 98 5.64 2.70 1.36
N ASN A 99 6.81 2.27 1.74
CA ASN A 99 6.93 0.94 2.29
C ASN A 99 7.36 0.87 3.71
N TYR A 100 7.90 -0.24 4.17
CA TYR A 100 8.32 -0.27 5.58
C TYR A 100 9.38 -1.33 5.74
N TYR A 101 10.66 -0.99 5.72
CA TYR A 101 11.61 -2.12 5.78
C TYR A 101 12.13 -2.28 7.20
N TYR A 102 11.78 -3.36 7.88
CA TYR A 102 12.36 -3.52 9.23
C TYR A 102 12.70 -4.97 9.51
N GLY A 103 11.69 -5.81 9.62
CA GLY A 103 12.05 -7.17 10.04
C GLY A 103 12.60 -7.93 8.85
N SER A 104 13.92 -8.06 8.80
CA SER A 104 14.60 -8.71 7.66
C SER A 104 14.15 -7.95 6.42
N LEU A 105 13.44 -8.62 5.53
CA LEU A 105 12.96 -8.00 4.27
C LEU A 105 11.87 -6.97 4.50
N PRO A 106 11.65 -6.11 3.52
CA PRO A 106 10.69 -5.04 3.62
C PRO A 106 9.31 -5.44 3.13
N VAL A 107 8.35 -4.54 3.29
CA VAL A 107 6.96 -4.66 2.86
C VAL A 107 6.71 -3.51 1.90
N TRP A 108 6.63 -3.80 0.61
CA TRP A 108 6.31 -2.76 -0.35
C TRP A 108 4.84 -2.38 -0.24
N PHE A 109 4.57 -1.10 -0.46
CA PHE A 109 3.20 -0.58 -0.50
C PHE A 109 2.47 -0.75 0.83
N ALA A 110 3.21 -0.74 1.94
CA ALA A 110 2.60 -0.62 3.26
C ALA A 110 2.44 0.86 3.54
N TYR A 111 1.20 1.28 3.85
CA TYR A 111 0.77 2.66 4.02
C TYR A 111 0.39 3.29 2.67
N TRP A 112 -0.91 3.48 2.47
CA TRP A 112 -1.45 4.06 1.24
C TRP A 112 -2.19 5.34 1.58
N GLY A 113 -2.24 6.26 0.62
CA GLY A 113 -3.03 7.46 0.79
C GLY A 113 -4.48 7.24 0.42
N GLN A 114 -5.30 8.26 0.68
CA GLN A 114 -6.72 8.15 0.38
C GLN A 114 -7.00 8.08 -1.12
N GLY A 115 -6.07 8.53 -1.94
CA GLY A 115 -6.27 8.49 -3.38
C GLY A 115 -7.18 9.59 -3.88
N THR A 116 -6.74 10.30 -4.91
CA THR A 116 -7.52 11.38 -5.50
C THR A 116 -7.82 11.01 -6.95
N LEU A 117 -9.07 11.22 -7.37
CA LEU A 117 -9.51 10.72 -8.67
C LEU A 117 -9.13 11.68 -9.79
N VAL A 118 -8.70 11.09 -10.90
CA VAL A 118 -8.40 11.93 -12.07
C VAL A 118 -9.14 11.37 -13.26
N THR A 119 -9.93 12.19 -13.93
CA THR A 119 -10.73 11.68 -15.06
C THR A 119 -10.11 12.19 -16.34
N VAL A 120 -9.50 11.28 -17.10
CA VAL A 120 -8.80 11.66 -18.35
C VAL A 120 -9.79 12.12 -19.40
N SER A 121 -10.92 11.43 -19.58
CA SER A 121 -11.84 11.77 -20.71
C SER A 121 -12.41 13.17 -20.58
N GLY A 122 -12.33 13.92 -21.66
CA GLY A 122 -12.80 15.32 -21.72
C GLY A 122 -14.11 15.39 -22.46
N ALA A 123 -14.81 14.26 -22.50
CA ALA A 123 -16.06 14.16 -23.27
C ALA A 123 -17.01 15.24 -22.79
N ALA A 124 -17.06 15.53 -21.49
CA ALA A 124 -18.02 16.53 -21.07
C ALA A 124 -17.30 17.65 -20.34
N LYS A 125 -17.99 18.77 -20.17
CA LYS A 125 -17.45 19.91 -19.46
C LYS A 125 -17.67 19.75 -17.97
N THR A 126 -16.77 20.34 -17.18
CA THR A 126 -16.94 20.33 -15.73
C THR A 126 -18.26 21.01 -15.40
N THR A 127 -19.29 20.23 -15.07
CA THR A 127 -20.61 20.77 -14.83
C THR A 127 -20.97 20.59 -13.36
N PRO A 128 -21.14 21.67 -12.61
CA PRO A 128 -21.47 21.54 -11.19
C PRO A 128 -22.83 20.90 -11.00
N PRO A 129 -23.10 20.36 -9.82
CA PRO A 129 -24.39 19.72 -9.56
C PRO A 129 -25.47 20.69 -9.09
N SER A 130 -26.69 20.40 -9.52
CA SER A 130 -27.87 21.02 -8.94
C SER A 130 -28.35 20.13 -7.80
N VAL A 131 -28.54 20.72 -6.63
CA VAL A 131 -28.89 19.98 -5.43
C VAL A 131 -30.39 20.16 -5.20
N TYR A 132 -31.17 19.12 -5.50
CA TYR A 132 -32.60 19.09 -5.24
C TYR A 132 -32.89 18.21 -4.03
N PRO A 133 -33.85 18.59 -3.19
CA PRO A 133 -34.11 17.81 -1.98
C PRO A 133 -35.01 16.61 -2.26
N LEU A 134 -35.10 15.74 -1.26
CA LEU A 134 -35.96 14.56 -1.30
C LEU A 134 -36.74 14.50 0.01
N ALA A 135 -38.05 14.74 -0.07
CA ALA A 135 -38.92 14.78 1.10
C ALA A 135 -39.96 13.66 1.04
N PRO A 136 -40.47 13.23 2.19
CA PRO A 136 -41.54 12.22 2.20
C PRO A 136 -42.74 12.58 1.34
N GLY A 137 -43.39 13.70 1.65
CA GLY A 137 -44.59 14.11 0.92
C GLY A 137 -45.81 13.35 1.35
N SER A 138 -45.73 12.02 1.39
CA SER A 138 -46.79 11.16 1.91
C SER A 138 -46.45 10.85 3.37
N ALA A 139 -46.79 11.80 4.24
CA ALA A 139 -46.49 11.70 5.67
C ALA A 139 -47.31 10.55 6.26
N ALA A 140 -46.77 9.33 6.15
CA ALA A 140 -47.51 8.14 6.55
C ALA A 140 -47.39 7.83 8.04
N GLN A 141 -46.36 8.35 8.72
CA GLN A 141 -46.11 8.02 10.13
C GLN A 141 -46.03 6.51 10.33
N THR A 142 -45.37 5.83 9.40
CA THR A 142 -45.23 4.37 9.49
C THR A 142 -44.56 3.96 10.80
N ASN A 143 -43.35 4.47 11.02
CA ASN A 143 -42.67 4.31 12.29
C ASN A 143 -42.04 5.65 12.64
N SER A 144 -41.38 5.69 13.79
CA SER A 144 -40.68 6.91 14.20
C SER A 144 -39.54 7.25 13.26
N MET A 145 -38.98 6.28 12.54
CA MET A 145 -37.77 6.55 11.74
C MET A 145 -38.18 7.03 10.36
N VAL A 146 -38.33 8.35 10.23
CA VAL A 146 -38.61 8.96 8.93
C VAL A 146 -37.29 9.15 8.19
N THR A 147 -37.33 9.10 6.86
CA THR A 147 -36.14 9.15 6.03
C THR A 147 -36.14 10.40 5.18
N LEU A 148 -35.10 11.22 5.34
CA LEU A 148 -34.88 12.38 4.49
C LEU A 148 -33.94 11.99 3.35
N GLY A 149 -33.80 12.90 2.38
CA GLY A 149 -32.97 12.62 1.22
C GLY A 149 -32.35 13.88 0.65
N CYS A 150 -31.57 13.69 -0.41
CA CYS A 150 -30.86 14.78 -1.08
C CYS A 150 -30.41 14.29 -2.44
N LEU A 151 -30.84 14.96 -3.50
CA LEU A 151 -30.51 14.57 -4.86
C LEU A 151 -29.43 15.49 -5.43
N VAL A 152 -28.41 14.89 -6.03
CA VAL A 152 -27.28 15.61 -6.59
C VAL A 152 -27.25 15.25 -8.08
N LYS A 153 -28.03 15.97 -8.89
CA LYS A 153 -28.29 15.57 -10.26
C LYS A 153 -27.35 16.24 -11.26
N GLY A 154 -27.06 15.50 -12.33
CA GLY A 154 -26.31 15.99 -13.48
C GLY A 154 -25.02 16.71 -13.19
N TYR A 155 -24.11 16.08 -12.45
CA TYR A 155 -22.83 16.70 -12.14
C TYR A 155 -21.72 16.02 -12.92
N PHE A 156 -20.64 16.77 -13.14
CA PHE A 156 -19.46 16.24 -13.81
C PHE A 156 -18.28 17.17 -13.55
N PRO A 157 -17.11 16.63 -13.22
CA PRO A 157 -16.87 15.19 -13.07
C PRO A 157 -16.91 14.72 -11.62
N GLU A 158 -16.68 13.43 -11.43
CA GLU A 158 -16.62 12.87 -10.09
C GLU A 158 -15.46 13.49 -9.32
N PRO A 159 -15.54 13.58 -7.99
CA PRO A 159 -16.68 13.13 -7.18
C PRO A 159 -17.42 14.24 -6.44
N VAL A 160 -18.56 13.86 -5.85
CA VAL A 160 -19.31 14.73 -4.97
C VAL A 160 -19.20 14.16 -3.57
N THR A 161 -19.46 15.01 -2.58
CA THR A 161 -19.33 14.59 -1.19
C THR A 161 -20.50 15.15 -0.38
N VAL A 162 -21.45 14.28 -0.06
CA VAL A 162 -22.64 14.66 0.69
C VAL A 162 -22.39 14.41 2.17
N THR A 163 -22.73 15.40 3.00
CA THR A 163 -22.65 15.27 4.44
C THR A 163 -23.82 16.02 5.06
N TRP A 164 -24.42 15.44 6.09
CA TRP A 164 -25.63 15.98 6.69
C TRP A 164 -25.31 16.81 7.92
N ASN A 165 -25.99 17.97 8.02
CA ASN A 165 -25.90 18.85 9.20
C ASN A 165 -24.47 19.27 9.50
N SER A 166 -23.70 19.56 8.45
CA SER A 166 -22.32 20.02 8.56
C SER A 166 -21.44 19.06 9.36
N GLY A 167 -21.84 17.80 9.47
CA GLY A 167 -21.08 16.80 10.17
C GLY A 167 -21.73 16.27 11.43
N SER A 168 -22.79 16.92 11.93
CA SER A 168 -23.46 16.43 13.13
C SER A 168 -24.17 15.12 12.85
N LEU A 169 -24.96 15.05 11.78
CA LEU A 169 -25.63 13.82 11.41
C LEU A 169 -24.60 12.82 10.89
N SER A 170 -24.38 11.75 11.65
CA SER A 170 -23.45 10.68 11.26
C SER A 170 -24.07 9.29 11.34
N SER A 171 -25.17 9.12 12.06
CA SER A 171 -25.80 7.81 12.21
C SER A 171 -26.47 7.40 10.91
N GLY A 172 -25.96 6.33 10.29
CA GLY A 172 -26.53 5.79 9.07
C GLY A 172 -26.84 6.82 8.00
N VAL A 173 -25.81 7.30 7.30
CA VAL A 173 -26.02 8.34 6.30
C VAL A 173 -26.31 7.77 4.92
N HIS A 174 -25.79 6.58 4.61
CA HIS A 174 -26.14 5.83 3.40
C HIS A 174 -26.05 6.68 2.14
N THR A 175 -24.83 6.93 1.68
CA THR A 175 -24.61 7.64 0.42
C THR A 175 -24.49 6.62 -0.70
N PHE A 176 -25.43 6.67 -1.63
CA PHE A 176 -25.49 5.70 -2.71
C PHE A 176 -24.53 6.10 -3.83
N PRO A 177 -24.05 5.13 -4.60
CA PRO A 177 -23.19 5.46 -5.74
C PRO A 177 -23.98 6.21 -6.81
N ALA A 178 -23.23 6.95 -7.62
CA ALA A 178 -23.85 7.73 -8.68
C ALA A 178 -24.12 6.84 -9.90
N VAL A 179 -24.84 7.41 -10.86
CA VAL A 179 -25.11 6.76 -12.13
C VAL A 179 -24.72 7.73 -13.25
N LEU A 180 -24.94 7.31 -14.49
CA LEU A 180 -24.54 8.08 -15.66
C LEU A 180 -25.79 8.49 -16.42
N GLN A 181 -26.36 9.63 -16.04
CA GLN A 181 -27.53 10.18 -16.71
C GLN A 181 -27.09 10.97 -17.93
N SER A 182 -27.50 10.51 -19.11
CA SER A 182 -27.04 11.05 -20.38
C SER A 182 -25.51 11.11 -20.35
N ASP A 183 -24.96 12.31 -20.20
CA ASP A 183 -23.51 12.45 -20.10
C ASP A 183 -23.02 12.74 -18.68
N LEU A 184 -23.90 13.01 -17.73
CA LEU A 184 -23.47 13.46 -16.41
C LEU A 184 -23.96 12.53 -15.31
N TYR A 185 -23.32 12.67 -14.15
CA TYR A 185 -23.59 11.83 -12.99
C TYR A 185 -24.67 12.45 -12.11
N THR A 186 -25.56 11.60 -11.60
CA THR A 186 -26.54 11.97 -10.59
C THR A 186 -26.36 11.08 -9.37
N LEU A 187 -26.52 11.65 -8.19
CA LEU A 187 -26.27 10.90 -6.96
C LEU A 187 -27.25 11.36 -5.88
N SER A 188 -27.46 10.50 -4.90
CA SER A 188 -28.37 10.79 -3.80
C SER A 188 -27.84 10.17 -2.51
N SER A 189 -28.40 10.64 -1.39
CA SER A 189 -28.05 10.14 -0.07
C SER A 189 -29.21 10.39 0.86
N SER A 190 -29.43 9.46 1.79
CA SER A 190 -30.63 9.51 2.64
C SER A 190 -30.26 9.23 4.08
N VAL A 191 -30.71 10.10 4.98
CA VAL A 191 -30.46 9.96 6.41
C VAL A 191 -31.79 9.71 7.12
N THR A 192 -31.75 8.89 8.17
CA THR A 192 -32.93 8.47 8.89
C THR A 192 -32.98 9.15 10.26
N VAL A 193 -34.07 9.82 10.56
CA VAL A 193 -34.21 10.55 11.83
C VAL A 193 -35.56 10.21 12.44
N PRO A 194 -35.70 10.34 13.75
CA PRO A 194 -36.97 10.00 14.39
C PRO A 194 -38.11 10.90 13.97
N SER A 195 -39.32 10.35 14.02
CA SER A 195 -40.52 11.07 13.58
C SER A 195 -40.77 12.29 14.45
N SER A 196 -40.46 12.21 15.74
CA SER A 196 -40.59 13.37 16.60
C SER A 196 -39.62 14.47 16.19
N THR A 197 -38.58 14.09 15.46
CA THR A 197 -37.45 14.99 15.21
C THR A 197 -37.70 15.93 14.04
N TRP A 198 -38.28 15.43 12.95
CA TRP A 198 -38.31 16.26 11.75
C TRP A 198 -39.26 17.44 11.87
N PRO A 199 -40.46 17.28 12.48
CA PRO A 199 -41.24 18.49 12.78
C PRO A 199 -40.47 19.50 13.60
N SER A 200 -39.61 19.00 14.50
CA SER A 200 -38.97 19.86 15.48
C SER A 200 -37.83 20.68 14.86
N GLU A 201 -36.85 20.02 14.24
CA GLU A 201 -35.65 20.74 13.85
C GLU A 201 -35.20 20.41 12.43
N THR A 202 -34.28 21.23 11.95
CA THR A 202 -33.87 21.27 10.55
C THR A 202 -32.71 20.33 10.27
N VAL A 203 -32.86 19.56 9.20
CA VAL A 203 -31.78 18.76 8.63
C VAL A 203 -31.37 19.44 7.32
N THR A 204 -30.08 19.63 7.12
CA THR A 204 -29.60 20.30 5.92
C THR A 204 -28.60 19.42 5.19
N CYS A 205 -28.60 19.54 3.86
CA CYS A 205 -27.72 18.76 3.00
C CYS A 205 -26.55 19.61 2.54
N ASN A 206 -25.33 19.11 2.73
CA ASN A 206 -24.11 19.80 2.34
C ASN A 206 -23.47 19.03 1.20
N VAL A 207 -23.55 19.58 -0.01
CA VAL A 207 -23.00 18.93 -1.20
C VAL A 207 -21.78 19.72 -1.64
N ALA A 208 -20.62 19.07 -1.60
CA ALA A 208 -19.37 19.66 -2.04
C ALA A 208 -18.91 18.98 -3.32
N HIS A 209 -18.63 19.77 -4.35
CA HIS A 209 -18.09 19.28 -5.61
C HIS A 209 -16.76 19.98 -5.85
N PRO A 210 -15.64 19.31 -5.60
CA PRO A 210 -14.33 19.98 -5.71
C PRO A 210 -13.97 20.40 -7.12
N ALA A 211 -14.13 19.50 -8.09
CA ALA A 211 -13.65 19.74 -9.44
C ALA A 211 -14.28 20.97 -10.08
N SER A 212 -15.45 21.41 -9.62
CA SER A 212 -16.07 22.63 -10.11
C SER A 212 -16.14 23.71 -9.04
N SER A 213 -15.47 23.52 -7.90
CA SER A 213 -15.34 24.54 -6.87
C SER A 213 -16.70 24.98 -6.32
N THR A 214 -17.62 24.03 -6.20
CA THR A 214 -18.97 24.32 -5.71
C THR A 214 -19.23 23.54 -4.43
N LYS A 215 -19.72 24.23 -3.40
CA LYS A 215 -20.20 23.61 -2.17
C LYS A 215 -21.58 24.20 -1.90
N VAL A 216 -22.61 23.48 -2.34
CA VAL A 216 -23.99 23.92 -2.17
C VAL A 216 -24.57 23.30 -0.91
N ASP A 217 -25.37 24.07 -0.19
CA ASP A 217 -26.14 23.60 0.94
C ASP A 217 -27.62 23.67 0.60
N LYS A 218 -28.39 22.69 1.05
CA LYS A 218 -29.82 22.64 0.73
C LYS A 218 -30.60 22.19 1.95
N LYS A 219 -31.41 23.09 2.47
CA LYS A 219 -32.31 22.80 3.59
C LYS A 219 -33.53 22.04 3.08
N ILE A 220 -33.90 20.96 3.76
CA ILE A 220 -35.05 20.16 3.35
C ILE A 220 -36.31 20.78 3.94
N VAL A 221 -37.18 21.25 3.06
CA VAL A 221 -38.49 21.76 3.46
C VAL A 221 -39.50 20.66 3.14
N PRO A 222 -40.47 20.40 4.03
CA PRO A 222 -41.45 19.32 3.84
C PRO A 222 -42.44 19.61 2.70
N GLN B 1 4.19 -10.87 -22.06
CA GLN B 1 4.13 -11.73 -20.89
C GLN B 1 3.99 -10.86 -19.64
N ALA B 2 4.37 -11.41 -18.48
CA ALA B 2 4.30 -10.72 -17.19
C ALA B 2 2.86 -10.37 -16.82
N VAL B 3 2.09 -11.43 -16.55
CA VAL B 3 0.70 -11.31 -16.12
C VAL B 3 0.55 -12.10 -14.83
N VAL B 4 0.16 -11.42 -13.75
CA VAL B 4 -0.04 -12.05 -12.45
C VAL B 4 -1.51 -12.40 -12.30
N THR B 5 -1.80 -13.66 -12.00
CA THR B 5 -3.17 -14.12 -11.82
C THR B 5 -3.35 -14.63 -10.40
N GLN B 6 -4.41 -14.17 -9.75
CA GLN B 6 -4.84 -14.70 -8.46
C GLN B 6 -6.35 -14.88 -8.53
N GLU B 7 -6.89 -15.58 -7.53
CA GLU B 7 -8.31 -15.95 -7.56
C GLU B 7 -9.20 -14.73 -7.73
N SER B 8 -10.32 -14.92 -8.43
CA SER B 8 -11.27 -13.84 -8.60
C SER B 8 -11.99 -13.54 -7.29
N ALA B 9 -12.35 -14.58 -6.54
CA ALA B 9 -13.03 -14.40 -5.26
C ALA B 9 -12.98 -15.71 -4.48
N LEU B 10 -13.00 -15.58 -3.15
CA LEU B 10 -13.06 -16.71 -2.25
C LEU B 10 -14.07 -16.40 -1.15
N THR B 11 -14.65 -17.45 -0.57
CA THR B 11 -15.65 -17.31 0.47
C THR B 11 -15.31 -18.22 1.64
N THR B 12 -15.63 -17.77 2.85
CA THR B 12 -15.30 -18.51 4.05
C THR B 12 -16.23 -18.11 5.19
N SER B 13 -15.99 -18.70 6.35
CA SER B 13 -16.76 -18.51 7.56
C SER B 13 -15.83 -18.21 8.72
N PRO B 14 -16.34 -17.56 9.78
CA PRO B 14 -15.49 -17.19 10.91
C PRO B 14 -14.86 -18.40 11.58
N GLY B 15 -13.58 -18.27 11.93
CA GLY B 15 -12.85 -19.30 12.62
C GLY B 15 -12.14 -20.29 11.73
N GLU B 16 -12.51 -20.38 10.46
CA GLU B 16 -11.90 -21.34 9.55
C GLU B 16 -10.57 -20.82 9.04
N THR B 17 -9.81 -21.71 8.42
CA THR B 17 -8.53 -21.38 7.80
C THR B 17 -8.72 -21.30 6.30
N VAL B 18 -8.28 -20.18 5.70
CA VAL B 18 -8.34 -19.92 4.27
C VAL B 18 -6.95 -19.64 3.74
N THR B 19 -6.73 -20.02 2.49
CA THR B 19 -5.46 -19.79 1.81
C THR B 19 -5.73 -19.09 0.49
N LEU B 20 -5.15 -17.91 0.31
CA LEU B 20 -5.21 -17.19 -0.95
C LEU B 20 -3.92 -17.45 -1.72
N THR B 21 -4.03 -17.65 -3.02
CA THR B 21 -2.87 -17.97 -3.85
C THR B 21 -2.61 -16.85 -4.84
N CYS B 22 -1.42 -16.90 -5.44
CA CYS B 22 -0.96 -15.90 -6.40
C CYS B 22 0.00 -16.58 -7.35
N ARG B 23 -0.43 -16.82 -8.59
CA ARG B 23 0.37 -17.53 -9.57
C ARG B 23 0.95 -16.54 -10.57
N SER B 24 2.17 -16.83 -11.01
CA SER B 24 2.86 -16.04 -12.03
C SER B 24 2.80 -16.75 -13.36
N SER B 25 2.47 -16.01 -14.42
CA SER B 25 2.38 -16.61 -15.74
C SER B 25 3.76 -16.88 -16.34
N THR B 26 4.78 -16.12 -15.93
CA THR B 26 6.10 -16.29 -16.51
C THR B 26 6.76 -17.60 -16.11
N GLY B 27 6.25 -18.28 -15.09
CA GLY B 27 6.83 -19.52 -14.64
C GLY B 27 6.51 -19.72 -13.16
N ALA B 28 7.48 -20.29 -12.45
CA ALA B 28 7.31 -20.50 -11.02
C ALA B 28 7.50 -19.20 -10.26
N VAL B 29 6.90 -19.14 -9.08
CA VAL B 29 7.09 -18.00 -8.18
C VAL B 29 8.23 -18.34 -7.23
N THR B 30 9.19 -17.43 -7.13
CA THR B 30 10.40 -17.64 -6.34
C THR B 30 10.51 -16.52 -5.31
N THR B 31 11.17 -16.83 -4.19
CA THR B 31 11.50 -15.84 -3.17
C THR B 31 12.00 -14.55 -3.81
N SER B 32 12.78 -14.68 -4.88
CA SER B 32 13.32 -13.54 -5.61
C SER B 32 12.24 -12.69 -6.25
N ASN B 33 11.00 -13.16 -6.33
CA ASN B 33 9.93 -12.35 -6.88
C ASN B 33 9.33 -11.39 -5.86
N TYR B 34 9.54 -11.65 -4.57
CA TYR B 34 9.12 -10.77 -3.48
C TYR B 34 7.61 -10.51 -3.53
N ALA B 35 6.88 -11.56 -3.16
CA ALA B 35 5.43 -11.48 -3.15
C ALA B 35 4.96 -10.46 -2.11
N ASN B 36 4.09 -9.56 -2.53
CA ASN B 36 3.51 -8.56 -1.63
C ASN B 36 2.00 -8.72 -1.61
N TRP B 37 1.41 -8.56 -0.43
CA TRP B 37 -0.02 -8.76 -0.21
C TRP B 37 -0.60 -7.47 0.34
N VAL B 38 -1.62 -6.94 -0.34
CA VAL B 38 -2.30 -5.72 0.06
C VAL B 38 -3.77 -6.02 0.24
N GLN B 39 -4.39 -5.37 1.22
CA GLN B 39 -5.81 -5.56 1.54
C GLN B 39 -6.55 -4.26 1.29
N GLU B 40 -7.63 -4.33 0.53
CA GLU B 40 -8.46 -3.16 0.23
C GLU B 40 -9.72 -3.20 1.08
N LYS B 41 -9.78 -2.32 2.06
CA LYS B 41 -11.04 -2.15 2.77
C LYS B 41 -11.95 -1.20 1.99
N PRO B 42 -13.26 -1.40 2.04
CA PRO B 42 -14.18 -0.58 1.25
C PRO B 42 -13.93 0.91 1.44
N ASP B 43 -14.32 1.67 0.41
CA ASP B 43 -14.03 3.11 0.31
C ASP B 43 -12.54 3.36 0.13
N HIS B 44 -11.90 2.50 -0.67
CA HIS B 44 -10.52 2.71 -1.12
C HIS B 44 -9.55 2.86 0.05
N LEU B 45 -9.68 1.96 1.02
CA LEU B 45 -8.78 1.91 2.17
C LEU B 45 -7.82 0.75 1.95
N PHE B 46 -6.55 1.06 1.67
CA PHE B 46 -5.54 0.06 1.41
C PHE B 46 -4.58 -0.04 2.59
N THR B 47 -4.15 -1.27 2.88
CA THR B 47 -3.21 -1.52 3.96
C THR B 47 -2.32 -2.68 3.54
N GLY B 48 -1.00 -2.49 3.61
CA GLY B 48 -0.08 -3.54 3.23
C GLY B 48 -0.06 -4.63 4.28
N LEU B 49 -0.13 -5.89 3.82
CA LEU B 49 -0.19 -7.04 4.72
C LEU B 49 1.14 -7.76 4.87
N ILE B 50 1.72 -8.19 3.75
CA ILE B 50 2.89 -9.07 3.79
C ILE B 50 3.89 -8.60 2.74
N GLY B 51 5.17 -8.60 3.13
CA GLY B 51 6.22 -8.22 2.22
C GLY B 51 7.38 -9.18 2.32
N GLY B 52 8.14 -9.26 1.22
CA GLY B 52 9.25 -10.20 1.17
C GLY B 52 8.81 -11.65 1.24
N THR B 53 7.65 -11.95 0.65
CA THR B 53 7.04 -13.28 0.61
C THR B 53 6.47 -13.70 1.96
N ASN B 54 7.23 -13.57 3.04
CA ASN B 54 6.79 -14.05 4.34
C ASN B 54 6.82 -13.02 5.46
N ASN B 55 7.58 -11.95 5.36
CA ASN B 55 7.67 -11.00 6.46
C ASN B 55 6.33 -10.28 6.66
N ARG B 56 5.87 -10.25 7.91
CA ARG B 56 4.56 -9.73 8.24
C ARG B 56 4.67 -8.27 8.65
N ALA B 57 3.84 -7.42 8.05
CA ALA B 57 3.86 -5.97 8.30
C ALA B 57 3.57 -5.68 9.78
N PRO B 58 3.90 -4.48 10.27
CA PRO B 58 3.83 -4.26 11.73
C PRO B 58 2.44 -4.45 12.32
N GLY B 59 1.43 -3.77 11.78
CA GLY B 59 0.12 -3.84 12.40
C GLY B 59 -0.67 -5.09 12.13
N VAL B 60 -0.14 -6.01 11.32
CA VAL B 60 -0.92 -7.18 10.89
C VAL B 60 -1.12 -8.12 12.06
N PRO B 61 -2.32 -8.62 12.30
CA PRO B 61 -2.53 -9.66 13.31
C PRO B 61 -1.74 -10.92 12.97
N ALA B 62 -1.38 -11.66 14.02
CA ALA B 62 -0.52 -12.82 13.84
C ALA B 62 -1.21 -13.96 13.09
N ARG B 63 -2.54 -13.94 13.00
CA ARG B 63 -3.25 -15.01 12.32
C ARG B 63 -2.95 -15.05 10.83
N PHE B 64 -2.45 -13.96 10.26
CA PHE B 64 -2.04 -13.96 8.87
C PHE B 64 -0.65 -14.57 8.74
N SER B 65 -0.44 -15.30 7.64
CA SER B 65 0.87 -15.87 7.36
C SER B 65 1.00 -16.08 5.86
N GLY B 66 2.15 -15.72 5.31
CA GLY B 66 2.42 -15.89 3.90
C GLY B 66 3.58 -16.84 3.69
N SER B 67 3.47 -17.68 2.67
CA SER B 67 4.49 -18.68 2.39
C SER B 67 4.47 -18.98 0.90
N LEU B 68 5.26 -19.98 0.50
CA LEU B 68 5.35 -20.40 -0.89
C LEU B 68 4.77 -21.81 -1.00
N ILE B 69 3.77 -21.96 -1.86
CA ILE B 69 3.09 -23.23 -2.07
C ILE B 69 3.46 -23.70 -3.47
N GLY B 70 4.35 -24.69 -3.53
CA GLY B 70 4.79 -25.22 -4.81
C GLY B 70 5.45 -24.18 -5.69
N ASP B 71 4.79 -23.81 -6.78
CA ASP B 71 5.29 -22.78 -7.68
C ASP B 71 4.51 -21.48 -7.58
N LYS B 72 3.66 -21.35 -6.57
CA LYS B 72 2.85 -20.16 -6.36
C LYS B 72 3.26 -19.45 -5.08
N ALA B 73 2.76 -18.23 -4.94
CA ALA B 73 2.78 -17.55 -3.65
C ALA B 73 1.45 -17.82 -2.96
N ALA B 74 1.42 -17.62 -1.64
CA ALA B 74 0.21 -17.93 -0.89
C ALA B 74 0.11 -17.07 0.36
N LEU B 75 -1.09 -16.56 0.60
CA LEU B 75 -1.42 -15.85 1.83
C LEU B 75 -2.40 -16.73 2.60
N THR B 76 -2.04 -17.09 3.83
CA THR B 76 -2.85 -17.97 4.65
C THR B 76 -3.44 -17.18 5.81
N ILE B 77 -4.75 -17.26 5.97
CA ILE B 77 -5.47 -16.64 7.07
C ILE B 77 -5.89 -17.77 8.00
N THR B 78 -5.31 -17.79 9.19
CA THR B 78 -5.51 -18.87 10.17
C THR B 78 -6.42 -18.38 11.28
N GLY B 79 -7.70 -18.72 11.19
CA GLY B 79 -8.68 -18.23 12.15
C GLY B 79 -9.30 -16.93 11.69
N ALA B 80 -9.98 -16.98 10.55
CA ALA B 80 -10.48 -15.77 9.93
C ALA B 80 -11.62 -15.17 10.74
N GLN B 81 -11.59 -13.84 10.88
CA GLN B 81 -12.65 -13.07 11.51
C GLN B 81 -13.42 -12.32 10.43
N THR B 82 -14.58 -11.78 10.82
CA THR B 82 -15.41 -11.07 9.85
C THR B 82 -14.70 -9.83 9.32
N GLU B 83 -13.80 -9.25 10.10
CA GLU B 83 -13.05 -8.08 9.63
C GLU B 83 -11.96 -8.44 8.63
N ASP B 84 -11.79 -9.73 8.31
CA ASP B 84 -10.94 -10.11 7.20
C ASP B 84 -11.65 -9.98 5.87
N GLU B 85 -12.94 -9.66 5.88
CA GLU B 85 -13.73 -9.54 4.66
C GLU B 85 -13.28 -8.28 3.90
N ALA B 86 -12.45 -8.48 2.88
CA ALA B 86 -11.94 -7.39 2.05
C ALA B 86 -11.33 -8.03 0.81
N ILE B 87 -10.85 -7.17 -0.09
CA ILE B 87 -10.19 -7.63 -1.31
C ILE B 87 -8.69 -7.62 -1.07
N TYR B 88 -8.03 -8.72 -1.41
CA TYR B 88 -6.61 -8.90 -1.17
C TYR B 88 -5.86 -8.94 -2.49
N PHE B 89 -4.91 -8.03 -2.66
CA PHE B 89 -4.16 -7.91 -3.90
C PHE B 89 -2.77 -8.51 -3.76
N CYS B 90 -2.20 -8.90 -4.90
CA CYS B 90 -0.87 -9.49 -4.98
C CYS B 90 0.03 -8.60 -5.81
N ALA B 91 1.34 -8.76 -5.60
CA ALA B 91 2.33 -7.98 -6.33
C ALA B 91 3.61 -8.79 -6.43
N LEU B 92 4.10 -8.98 -7.65
CA LEU B 92 5.32 -9.73 -7.90
C LEU B 92 6.32 -8.85 -8.63
N TRP B 93 7.57 -8.88 -8.26
CA TRP B 93 8.46 -8.00 -8.92
C TRP B 93 9.18 -8.76 -9.91
N TYR B 94 9.03 -8.42 -11.16
CA TYR B 94 9.73 -9.09 -12.21
C TYR B 94 10.84 -8.20 -12.61
N SER B 95 12.06 -8.67 -12.51
CA SER B 95 13.21 -7.87 -12.86
C SER B 95 13.04 -7.09 -14.11
N ASN B 96 12.70 -7.84 -15.13
CA ASN B 96 12.53 -7.27 -16.43
C ASN B 96 11.70 -6.03 -16.27
N HIS B 97 10.42 -6.19 -15.98
CA HIS B 97 9.51 -5.05 -15.79
C HIS B 97 9.59 -4.54 -14.38
N SER B 98 8.51 -4.57 -13.65
CA SER B 98 8.51 -4.13 -12.29
C SER B 98 7.35 -4.70 -11.62
N TRP B 99 6.84 -4.03 -10.64
CA TRP B 99 5.72 -4.61 -9.96
C TRP B 99 4.53 -4.71 -10.87
N VAL B 100 3.88 -5.87 -10.85
CA VAL B 100 2.69 -6.12 -11.60
C VAL B 100 1.80 -6.73 -10.58
N PHE B 101 0.59 -6.25 -10.54
CA PHE B 101 -0.52 -6.52 -9.64
C PHE B 101 -1.56 -7.49 -10.23
N GLY B 102 -1.96 -8.47 -9.43
CA GLY B 102 -2.93 -9.44 -9.84
C GLY B 102 -4.32 -8.84 -9.80
N GLY B 103 -5.29 -9.65 -10.27
CA GLY B 103 -6.67 -9.20 -10.26
C GLY B 103 -7.21 -8.97 -8.86
N GLY B 104 -6.57 -9.56 -7.85
CA GLY B 104 -7.07 -9.41 -6.50
C GLY B 104 -8.14 -10.44 -6.16
N THR B 105 -8.15 -10.88 -4.91
CA THR B 105 -9.13 -11.83 -4.42
C THR B 105 -10.08 -11.13 -3.47
N LYS B 106 -11.37 -11.23 -3.74
CA LYS B 106 -12.40 -10.70 -2.86
C LYS B 106 -12.82 -11.80 -1.90
N LEU B 107 -12.58 -11.60 -0.62
CA LEU B 107 -12.90 -12.58 0.41
C LEU B 107 -14.19 -12.18 1.12
N THR B 108 -15.09 -13.14 1.28
CA THR B 108 -16.37 -12.93 1.94
C THR B 108 -16.47 -13.85 3.14
N VAL B 109 -16.63 -13.28 4.33
CA VAL B 109 -16.87 -14.05 5.53
C VAL B 109 -18.39 -14.21 5.66
N LEU B 110 -18.87 -15.43 5.51
CA LEU B 110 -20.31 -15.70 5.63
C LEU B 110 -20.72 -15.59 7.09
N GLY B 111 -21.57 -14.61 7.40
CA GLY B 111 -21.97 -14.45 8.78
C GLY B 111 -23.30 -13.79 9.04
N GLN B 112 -23.48 -12.58 8.51
CA GLN B 112 -24.61 -11.74 8.90
C GLN B 112 -25.94 -12.40 8.55
N PRO B 113 -26.98 -12.15 9.36
CA PRO B 113 -28.29 -12.77 9.12
C PRO B 113 -29.01 -12.14 7.94
N LYS B 114 -29.93 -12.93 7.38
CA LYS B 114 -30.73 -12.47 6.24
C LYS B 114 -31.51 -11.21 6.62
N GLY B 115 -31.32 -10.16 5.85
CA GLY B 115 -31.92 -8.86 6.14
C GLY B 115 -32.91 -8.46 5.07
N ALA B 116 -34.02 -7.87 5.50
CA ALA B 116 -35.03 -7.37 4.58
C ALA B 116 -34.78 -5.89 4.30
N PRO B 117 -34.89 -5.47 3.04
CA PRO B 117 -34.60 -4.08 2.71
C PRO B 117 -35.68 -3.13 3.22
N SER B 118 -35.25 -1.92 3.56
CA SER B 118 -36.16 -0.84 3.96
C SER B 118 -36.30 0.09 2.75
N VAL B 119 -37.40 -0.06 2.03
CA VAL B 119 -37.62 0.65 0.78
C VAL B 119 -38.28 1.99 1.05
N THR B 120 -37.93 2.99 0.25
CA THR B 120 -38.50 4.33 0.38
C THR B 120 -38.52 4.99 -1.00
N LEU B 121 -39.65 5.60 -1.34
CA LEU B 121 -39.85 6.25 -2.64
C LEU B 121 -40.06 7.74 -2.42
N PHE B 122 -39.28 8.55 -3.12
CA PHE B 122 -39.37 10.00 -2.98
C PHE B 122 -39.83 10.64 -4.28
N PRO B 123 -40.68 11.66 -4.20
CA PRO B 123 -41.19 12.30 -5.41
C PRO B 123 -40.25 13.38 -5.91
N PRO B 124 -40.49 13.91 -7.09
CA PRO B 124 -39.69 15.05 -7.56
C PRO B 124 -40.04 16.31 -6.78
N SER B 125 -39.04 17.16 -6.59
CA SER B 125 -39.20 18.38 -5.81
C SER B 125 -39.71 19.52 -6.67
N SER B 126 -40.25 20.55 -6.01
CA SER B 126 -40.75 21.71 -6.74
C SER B 126 -39.62 22.43 -7.46
N GLU B 127 -38.45 22.53 -6.84
CA GLU B 127 -37.32 23.16 -7.49
C GLU B 127 -36.98 22.47 -8.81
N GLU B 128 -37.00 21.13 -8.80
CA GLU B 128 -36.75 20.40 -10.04
C GLU B 128 -37.89 20.61 -11.04
N LEU B 129 -39.13 20.61 -10.55
CA LEU B 129 -40.26 20.84 -11.43
C LEU B 129 -40.21 22.24 -12.03
N GLU B 130 -39.60 23.20 -11.32
CA GLU B 130 -39.42 24.52 -11.88
C GLU B 130 -38.56 24.47 -13.15
N THR B 131 -37.72 23.45 -13.27
CA THR B 131 -36.92 23.23 -14.46
C THR B 131 -37.60 22.28 -15.45
N ASN B 132 -38.88 21.99 -15.24
CA ASN B 132 -39.66 21.10 -16.12
C ASN B 132 -38.96 19.74 -16.25
N LYS B 133 -38.56 19.19 -15.12
CA LYS B 133 -37.95 17.87 -15.04
C LYS B 133 -38.41 17.20 -13.76
N ALA B 134 -38.32 15.88 -13.73
CA ALA B 134 -38.78 15.14 -12.55
C ALA B 134 -38.00 13.84 -12.44
N THR B 135 -37.70 13.45 -11.21
CA THR B 135 -36.94 12.22 -10.96
C THR B 135 -37.38 11.61 -9.64
N LEU B 136 -38.09 10.49 -9.72
CA LEU B 136 -38.38 9.70 -8.54
C LEU B 136 -37.09 9.04 -8.05
N VAL B 137 -36.97 8.89 -6.73
CA VAL B 137 -35.80 8.28 -6.12
C VAL B 137 -36.26 7.20 -5.16
N CYS B 138 -35.99 5.94 -5.48
CA CYS B 138 -36.29 4.81 -4.60
C CYS B 138 -34.98 4.38 -3.94
N THR B 139 -34.96 4.41 -2.61
CA THR B 139 -33.75 4.13 -1.84
C THR B 139 -33.91 2.80 -1.12
N ILE B 140 -33.07 1.83 -1.48
CA ILE B 140 -33.05 0.51 -0.86
C ILE B 140 -31.88 0.47 0.11
N THR B 141 -32.15 0.16 1.38
CA THR B 141 -31.11 0.16 2.40
C THR B 141 -31.28 -1.05 3.32
N ASP B 142 -30.18 -1.40 3.97
CA ASP B 142 -30.17 -2.35 5.08
C ASP B 142 -30.68 -3.73 4.69
N PHE B 143 -30.17 -4.26 3.57
CA PHE B 143 -30.53 -5.61 3.18
C PHE B 143 -29.29 -6.48 3.06
N TYR B 144 -29.52 -7.79 3.19
CA TYR B 144 -28.50 -8.82 3.05
C TYR B 144 -29.21 -10.15 2.87
N PRO B 145 -28.74 -11.04 1.98
CA PRO B 145 -27.58 -10.96 1.09
C PRO B 145 -27.70 -9.88 0.02
N GLY B 146 -26.63 -9.69 -0.74
CA GLY B 146 -26.54 -8.57 -1.66
C GLY B 146 -27.06 -8.79 -3.07
N VAL B 147 -28.37 -8.94 -3.22
CA VAL B 147 -28.99 -8.99 -4.54
C VAL B 147 -30.45 -8.56 -4.42
N VAL B 148 -30.85 -7.59 -5.26
CA VAL B 148 -32.23 -7.12 -5.32
C VAL B 148 -32.61 -6.95 -6.78
N THR B 149 -33.92 -6.90 -7.03
CA THR B 149 -34.45 -6.69 -8.37
C THR B 149 -35.51 -5.60 -8.29
N VAL B 150 -35.36 -4.55 -9.09
CA VAL B 150 -36.22 -3.38 -9.02
C VAL B 150 -37.07 -3.32 -10.28
N ASP B 151 -38.38 -3.26 -10.10
CA ASP B 151 -39.33 -3.05 -11.18
C ASP B 151 -40.18 -1.84 -10.83
N TRP B 152 -40.37 -0.95 -11.80
CA TRP B 152 -41.20 0.23 -11.62
C TRP B 152 -42.55 0.05 -12.31
N LYS B 153 -43.58 0.67 -11.75
CA LYS B 153 -44.92 0.64 -12.34
C LYS B 153 -45.54 2.01 -12.24
N VAL B 154 -46.00 2.54 -13.37
CA VAL B 154 -46.67 3.84 -13.42
C VAL B 154 -48.10 3.60 -13.86
N ASP B 155 -49.05 3.93 -12.98
CA ASP B 155 -50.48 3.75 -13.23
C ASP B 155 -50.79 2.33 -13.68
N GLY B 156 -50.29 1.36 -12.92
CA GLY B 156 -50.53 -0.04 -13.23
C GLY B 156 -49.60 -0.61 -14.29
N THR B 157 -49.20 0.23 -15.24
CA THR B 157 -48.30 -0.23 -16.31
C THR B 157 -46.86 -0.26 -15.82
N PRO B 158 -46.12 -1.31 -16.09
CA PRO B 158 -44.71 -1.34 -15.71
C PRO B 158 -43.89 -0.45 -16.62
N VAL B 159 -42.85 0.15 -16.05
CA VAL B 159 -41.99 1.09 -16.75
C VAL B 159 -40.77 0.36 -17.27
N THR B 160 -40.47 0.56 -18.55
CA THR B 160 -39.33 -0.08 -19.20
C THR B 160 -38.39 0.95 -19.83
N GLN B 161 -38.49 2.21 -19.39
CA GLN B 161 -37.75 3.30 -20.01
C GLN B 161 -37.42 4.35 -18.95
N GLY B 162 -36.25 4.96 -19.08
CA GLY B 162 -35.85 6.01 -18.18
C GLY B 162 -35.62 5.60 -16.75
N MET B 163 -35.59 4.30 -16.46
CA MET B 163 -35.29 3.83 -15.11
C MET B 163 -33.80 3.52 -15.03
N GLU B 164 -33.18 3.96 -13.93
CA GLU B 164 -31.73 3.89 -13.75
C GLU B 164 -31.44 3.30 -12.38
N THR B 165 -30.90 2.08 -12.35
CA THR B 165 -30.68 1.36 -11.11
C THR B 165 -29.19 1.19 -10.85
N THR B 166 -28.78 1.41 -9.60
CA THR B 166 -27.39 1.35 -9.20
C THR B 166 -27.01 -0.07 -8.74
N GLN B 167 -25.70 -0.32 -8.76
CA GLN B 167 -25.18 -1.60 -8.30
C GLN B 167 -25.24 -1.65 -6.77
N PRO B 168 -25.44 -2.85 -6.20
CA PRO B 168 -25.45 -2.96 -4.74
C PRO B 168 -24.10 -2.58 -4.15
N SER B 169 -24.13 -1.94 -2.98
CA SER B 169 -22.93 -1.45 -2.32
C SER B 169 -22.94 -1.87 -0.86
N LYS B 170 -21.73 -2.01 -0.30
CA LYS B 170 -21.59 -2.31 1.11
C LYS B 170 -21.93 -1.08 1.95
N GLN B 171 -22.26 -1.33 3.22
CA GLN B 171 -22.54 -0.26 4.16
C GLN B 171 -21.50 -0.30 5.28
N SER B 172 -21.71 0.52 6.31
CA SER B 172 -20.80 0.52 7.45
C SER B 172 -20.93 -0.78 8.24
N ASN B 173 -22.16 -1.18 8.54
CA ASN B 173 -22.44 -2.38 9.32
C ASN B 173 -22.46 -3.65 8.50
N ASN B 174 -21.77 -3.67 7.35
CA ASN B 174 -21.67 -4.79 6.43
C ASN B 174 -23.00 -5.17 5.79
N LYS B 175 -24.05 -4.38 5.98
CA LYS B 175 -25.28 -4.60 5.22
C LYS B 175 -25.15 -3.92 3.86
N TYR B 176 -26.22 -3.95 3.07
CA TYR B 176 -26.17 -3.42 1.72
C TYR B 176 -27.15 -2.27 1.53
N MET B 177 -26.81 -1.42 0.56
CA MET B 177 -27.69 -0.36 0.09
C MET B 177 -27.75 -0.41 -1.43
N ALA B 178 -28.82 0.14 -1.99
CA ALA B 178 -29.01 0.19 -3.43
C ALA B 178 -29.96 1.33 -3.75
N SER B 179 -29.99 1.72 -5.02
CA SER B 179 -30.80 2.87 -5.42
C SER B 179 -31.19 2.75 -6.89
N SER B 180 -32.30 3.40 -7.22
CA SER B 180 -32.79 3.44 -8.59
C SER B 180 -33.53 4.75 -8.81
N TYR B 181 -33.42 5.29 -10.03
CA TYR B 181 -34.02 6.58 -10.37
C TYR B 181 -34.88 6.45 -11.61
N LEU B 182 -36.00 7.17 -11.61
CA LEU B 182 -36.92 7.24 -12.75
C LEU B 182 -37.09 8.70 -13.13
N THR B 183 -36.61 9.06 -14.32
CA THR B 183 -36.57 10.45 -14.76
C THR B 183 -37.59 10.68 -15.87
N LEU B 184 -38.46 11.67 -15.67
CA LEU B 184 -39.46 12.04 -16.66
C LEU B 184 -39.68 13.55 -16.58
N THR B 185 -40.35 14.09 -17.59
CA THR B 185 -40.62 15.51 -17.62
C THR B 185 -41.73 15.89 -16.65
N ALA B 186 -41.80 17.18 -16.33
CA ALA B 186 -42.82 17.66 -15.40
C ALA B 186 -44.22 17.43 -15.97
N ARG B 187 -44.38 17.57 -17.28
CA ARG B 187 -45.68 17.34 -17.90
C ARG B 187 -46.11 15.88 -17.73
N ALA B 188 -45.19 14.95 -17.92
CA ALA B 188 -45.51 13.55 -17.75
C ALA B 188 -45.65 13.17 -16.28
N TRP B 189 -45.10 13.98 -15.38
CA TRP B 189 -45.29 13.72 -13.96
C TRP B 189 -46.72 14.02 -13.53
N GLU B 190 -47.33 15.04 -14.15
CA GLU B 190 -48.73 15.33 -13.90
C GLU B 190 -49.64 14.41 -14.68
N ARG B 191 -49.16 13.87 -15.80
CA ARG B 191 -49.94 13.03 -16.70
C ARG B 191 -50.16 11.61 -16.18
N HIS B 192 -49.68 11.29 -14.99
CA HIS B 192 -49.89 9.98 -14.40
C HIS B 192 -50.16 10.14 -12.91
N SER B 193 -50.66 9.07 -12.29
CA SER B 193 -51.14 9.12 -10.92
C SER B 193 -50.35 8.24 -9.97
N SER B 194 -50.28 6.93 -10.23
CA SER B 194 -49.66 5.99 -9.30
C SER B 194 -48.24 5.64 -9.75
N TYR B 195 -47.28 5.81 -8.84
CA TYR B 195 -45.90 5.42 -9.06
C TYR B 195 -45.46 4.51 -7.92
N SER B 196 -44.89 3.35 -8.26
CA SER B 196 -44.49 2.38 -7.26
C SER B 196 -43.14 1.79 -7.62
N CYS B 197 -42.38 1.41 -6.59
CA CYS B 197 -41.04 0.84 -6.73
C CYS B 197 -41.03 -0.49 -5.97
N GLN B 198 -40.70 -1.57 -6.68
CA GLN B 198 -40.84 -2.93 -6.16
C GLN B 198 -39.48 -3.58 -6.05
N VAL B 199 -39.07 -3.90 -4.83
CA VAL B 199 -37.78 -4.53 -4.56
C VAL B 199 -38.04 -6.00 -4.25
N THR B 200 -37.68 -6.88 -5.19
CA THR B 200 -37.83 -8.32 -5.01
C THR B 200 -36.53 -8.87 -4.45
N HIS B 201 -36.53 -9.21 -3.16
CA HIS B 201 -35.34 -9.66 -2.45
C HIS B 201 -35.62 -11.00 -1.80
N GLU B 202 -34.85 -12.03 -2.19
CA GLU B 202 -35.03 -13.39 -1.70
C GLU B 202 -36.46 -13.87 -1.92
N GLY B 203 -37.01 -13.58 -3.09
CA GLY B 203 -38.39 -13.95 -3.38
C GLY B 203 -39.41 -12.98 -2.84
N HIS B 204 -39.28 -12.62 -1.56
CA HIS B 204 -40.22 -11.68 -0.96
C HIS B 204 -40.04 -10.30 -1.56
N THR B 205 -41.15 -9.68 -1.94
CA THR B 205 -41.13 -8.43 -2.68
C THR B 205 -41.71 -7.31 -1.83
N VAL B 206 -40.96 -6.22 -1.69
CA VAL B 206 -41.37 -5.06 -0.91
C VAL B 206 -41.54 -3.88 -1.87
N GLU B 207 -42.66 -3.17 -1.74
CA GLU B 207 -42.92 -2.01 -2.58
C GLU B 207 -43.28 -0.81 -1.73
N LYS B 208 -42.93 0.37 -2.24
CA LYS B 208 -43.33 1.64 -1.66
C LYS B 208 -43.90 2.51 -2.77
N SER B 209 -45.05 3.12 -2.51
CA SER B 209 -45.77 3.83 -3.55
C SER B 209 -46.39 5.11 -2.98
N LEU B 210 -46.80 5.99 -3.89
CA LEU B 210 -47.44 7.24 -3.53
C LEU B 210 -48.41 7.62 -4.64
N SER B 211 -49.06 8.78 -4.47
CA SER B 211 -50.09 9.19 -5.42
C SER B 211 -50.45 10.66 -5.26
N PRO C 1 19.15 0.24 37.91
CA PRO C 1 18.97 -1.19 37.59
C PRO C 1 19.99 -1.69 36.58
N LEU C 2 19.55 -2.03 35.38
CA LEU C 2 20.41 -2.64 34.38
C LEU C 2 21.09 -1.58 33.52
N ARG C 3 21.94 -2.04 32.60
CA ARG C 3 22.69 -1.19 31.68
C ARG C 3 22.08 -1.39 30.30
N LEU C 4 21.22 -0.47 29.89
CA LEU C 4 20.51 -0.56 28.62
C LEU C 4 21.09 0.44 27.62
N VAL C 5 21.29 -0.02 26.39
CA VAL C 5 21.81 0.81 25.31
C VAL C 5 20.72 0.97 24.27
N ASP C 6 20.47 2.21 23.84
CA ASP C 6 19.41 2.52 22.89
C ASP C 6 20.02 2.64 21.49
N GLY C 7 19.50 1.84 20.56
CA GLY C 7 19.96 1.95 19.19
C GLY C 7 19.44 3.18 18.48
N GLN C 8 18.26 3.65 18.89
CA GLN C 8 17.68 4.91 18.43
C GLN C 8 17.32 4.87 16.95
N THR C 9 18.31 5.06 16.09
CA THR C 9 18.15 4.97 14.64
C THR C 9 18.93 3.83 14.03
N CYS C 10 20.02 3.42 14.66
CA CYS C 10 20.80 2.29 14.20
C CYS C 10 20.27 1.01 14.83
N ASP C 11 20.00 0.01 14.00
CA ASP C 11 19.57 -1.27 14.53
C ASP C 11 20.78 -2.09 14.96
N ILE C 12 20.52 -3.28 15.47
CA ILE C 12 21.61 -4.11 16.01
C ILE C 12 22.63 -4.43 14.93
N VAL C 13 22.16 -4.63 13.70
CA VAL C 13 23.06 -5.03 12.62
C VAL C 13 23.79 -3.83 12.04
N ASN C 14 23.05 -2.78 11.67
CA ASN C 14 23.68 -1.57 11.16
C ASN C 14 24.73 -1.04 12.12
N GLY C 15 24.52 -1.24 13.43
CA GLY C 15 25.55 -0.87 14.38
C GLY C 15 26.78 -1.76 14.28
N ALA C 16 26.56 -3.06 14.08
CA ALA C 16 27.68 -3.97 13.90
C ALA C 16 28.38 -3.71 12.57
N LEU C 17 27.61 -3.41 11.53
CA LEU C 17 28.20 -3.12 10.23
C LEU C 17 28.79 -1.72 10.19
N GLY C 18 28.21 -0.77 10.92
CA GLY C 18 28.74 0.57 10.96
C GLY C 18 28.18 1.47 9.88
N SER C 19 26.88 1.38 9.63
CA SER C 19 26.24 2.26 8.68
C SER C 19 26.30 3.70 9.19
N PRO C 20 26.15 4.69 8.30
CA PRO C 20 26.25 6.08 8.72
C PRO C 20 25.30 6.41 9.87
N GLY C 21 25.80 7.23 10.80
CA GLY C 21 25.05 7.61 11.98
C GLY C 21 25.15 6.64 13.14
N CYS C 22 25.78 5.49 12.95
CA CYS C 22 25.83 4.42 13.94
C CYS C 22 27.10 4.42 14.77
N ASP C 23 27.89 5.49 14.71
CA ASP C 23 29.14 5.55 15.44
C ASP C 23 28.94 5.49 16.95
N HIS C 24 27.76 5.90 17.44
CA HIS C 24 27.52 5.98 18.88
C HIS C 24 27.40 4.61 19.55
N LEU C 25 27.24 3.54 18.77
CA LEU C 25 27.19 2.20 19.34
C LEU C 25 28.56 1.54 19.37
N ASN C 26 29.59 2.17 18.80
CA ASN C 26 30.93 1.62 18.86
C ASN C 26 31.45 1.71 20.29
N GLY C 27 32.03 0.61 20.78
CA GLY C 27 32.50 0.56 22.14
C GLY C 27 31.41 0.47 23.19
N ALA C 28 30.15 0.40 22.77
CA ALA C 28 29.05 0.36 23.72
C ALA C 28 28.91 -1.01 24.36
N GLU C 29 28.56 -1.03 25.64
CA GLU C 29 28.35 -2.24 26.40
C GLU C 29 26.95 -2.20 27.00
N TRP C 30 26.29 -3.35 26.99
CA TRP C 30 24.96 -3.42 27.53
C TRP C 30 24.55 -4.77 27.97
N ASP C 31 23.47 -4.82 28.74
CA ASP C 31 22.90 -6.03 29.23
C ASP C 31 21.66 -6.24 28.41
N ILE C 32 20.99 -5.18 28.06
CA ILE C 32 19.82 -5.32 27.24
C ILE C 32 19.87 -4.38 26.10
N PHE C 33 19.46 -4.77 24.92
CA PHE C 33 19.62 -3.89 23.80
C PHE C 33 18.35 -3.35 23.28
N ILE C 34 18.15 -2.06 23.43
CA ILE C 34 16.94 -1.45 22.95
C ILE C 34 16.81 -1.22 21.50
N GLU C 35 16.25 -2.18 20.85
CA GLU C 35 16.07 -2.00 19.41
C GLU C 35 14.78 -1.22 19.17
N ARG C 36 14.90 0.03 18.80
CA ARG C 36 13.70 0.84 18.60
C ARG C 36 12.94 0.37 17.37
N PRO C 37 11.61 0.34 17.42
CA PRO C 37 10.83 -0.05 16.23
C PRO C 37 10.89 0.97 15.12
N THR C 38 11.43 2.14 15.42
CA THR C 38 11.51 3.26 14.50
C THR C 38 12.83 3.29 13.74
N ALA C 39 13.64 2.25 13.86
CA ALA C 39 14.96 2.23 13.23
C ALA C 39 14.84 2.15 11.72
N VAL C 40 15.90 2.59 11.04
CA VAL C 40 15.95 2.64 9.59
C VAL C 40 17.34 2.24 9.12
N ASP C 41 17.41 1.66 7.93
CA ASP C 41 18.69 1.45 7.27
C ASP C 41 19.18 2.77 6.71
N THR C 42 20.51 2.95 6.70
CA THR C 42 21.07 4.22 6.22
C THR C 42 22.28 4.02 5.33
N CYS C 43 22.52 2.81 4.83
CA CYS C 43 23.70 2.54 4.01
C CYS C 43 23.25 1.70 2.81
N TYR C 44 24.19 0.98 2.21
CA TYR C 44 23.90 0.16 1.05
C TYR C 44 22.86 -0.90 1.40
N PRO C 45 21.89 -1.16 0.52
CA PRO C 45 20.91 -2.21 0.80
C PRO C 45 21.58 -3.58 0.84
N PHE C 46 21.20 -4.38 1.83
CA PHE C 46 21.81 -5.68 2.04
C PHE C 46 20.75 -6.66 2.54
N ASP C 47 21.17 -7.89 2.75
CA ASP C 47 20.32 -8.90 3.36
C ASP C 47 21.21 -9.93 4.05
N VAL C 48 20.76 -10.41 5.21
CA VAL C 48 21.49 -11.42 5.98
C VAL C 48 20.66 -12.70 5.93
N PRO C 49 21.15 -13.77 5.29
CA PRO C 49 20.36 -15.01 5.20
C PRO C 49 19.79 -15.46 6.54
N ASP C 50 20.63 -15.53 7.57
CA ASP C 50 20.17 -15.77 8.93
C ASP C 50 20.21 -14.48 9.73
N TYR C 51 19.38 -13.52 9.29
CA TYR C 51 19.30 -12.25 10.01
C TYR C 51 18.95 -12.48 11.47
N GLN C 52 18.04 -13.42 11.74
CA GLN C 52 17.65 -13.67 13.12
C GLN C 52 18.77 -14.35 13.91
N SER C 53 19.59 -15.16 13.24
CA SER C 53 20.70 -15.80 13.92
C SER C 53 21.84 -14.82 14.17
N LEU C 54 22.20 -14.03 13.15
CA LEU C 54 23.26 -13.05 13.34
C LEU C 54 22.86 -11.96 14.32
N ARG C 55 21.62 -11.49 14.22
CA ARG C 55 21.10 -10.53 15.19
C ARG C 55 21.17 -11.08 16.60
N SER C 56 21.05 -12.40 16.75
CA SER C 56 21.12 -13.01 18.07
C SER C 56 22.53 -12.96 18.65
N ILE C 57 23.54 -13.24 17.83
CA ILE C 57 24.91 -13.24 18.33
C ILE C 57 25.32 -11.85 18.79
N LEU C 58 24.90 -10.82 18.04
CA LEU C 58 25.27 -9.46 18.41
C LEU C 58 24.60 -9.04 19.70
N ALA C 59 23.31 -9.36 19.86
CA ALA C 59 22.60 -8.98 21.07
C ALA C 59 23.10 -9.77 22.28
N ASN C 60 23.35 -11.06 22.09
CA ASN C 60 23.76 -11.90 23.21
C ASN C 60 25.20 -11.60 23.64
N ASN C 61 26.07 -11.23 22.71
CA ASN C 61 27.47 -10.99 23.05
C ASN C 61 27.60 -9.94 24.15
N GLY C 62 26.85 -8.84 24.03
CA GLY C 62 26.79 -7.83 25.05
C GLY C 62 27.73 -6.65 24.87
N LYS C 63 28.47 -6.58 23.76
CA LYS C 63 29.39 -5.48 23.57
C LYS C 63 29.74 -5.34 22.10
N PHE C 64 29.97 -4.10 21.69
CA PHE C 64 30.47 -3.75 20.36
C PHE C 64 31.90 -3.27 20.52
N GLU C 65 32.82 -4.21 20.71
CA GLU C 65 34.24 -3.88 20.84
C GLU C 65 34.94 -4.37 19.57
N PHE C 66 35.01 -3.49 18.58
CA PHE C 66 35.66 -3.82 17.32
C PHE C 66 37.18 -3.72 17.45
N ILE C 67 37.87 -4.61 16.77
CA ILE C 67 39.32 -4.69 16.80
C ILE C 67 39.84 -4.68 15.37
N ALA C 68 40.81 -3.81 15.11
CA ALA C 68 41.27 -3.58 13.74
C ALA C 68 42.34 -4.58 13.33
N GLU C 69 42.42 -4.83 12.02
CA GLU C 69 43.42 -5.69 11.42
C GLU C 69 43.74 -5.15 10.03
N GLU C 70 44.97 -5.36 9.58
CA GLU C 70 45.42 -4.88 8.28
C GLU C 70 45.47 -6.04 7.29
N PHE C 71 44.60 -6.04 6.32
CA PHE C 71 44.76 -7.14 5.35
C PHE C 71 45.55 -6.54 4.22
N GLN C 72 46.63 -7.18 3.78
CA GLN C 72 47.33 -6.53 2.66
C GLN C 72 46.63 -7.02 1.40
N TRP C 73 45.55 -6.37 0.98
CA TRP C 73 44.82 -6.79 -0.25
C TRP C 73 45.76 -6.55 -1.42
N SER C 74 45.63 -7.36 -2.46
CA SER C 74 46.57 -7.38 -3.59
C SER C 74 46.56 -6.15 -4.50
N THR C 75 45.83 -6.17 -5.60
CA THR C 75 45.92 -5.00 -6.51
C THR C 75 44.56 -4.33 -6.67
N VAL C 76 43.60 -4.77 -5.88
CA VAL C 76 42.19 -4.28 -5.93
C VAL C 76 42.10 -2.88 -5.33
N THR C 77 41.17 -2.07 -5.84
CA THR C 77 40.99 -0.73 -5.26
C THR C 77 40.27 -0.91 -3.93
N GLN C 78 40.80 -0.37 -2.86
CA GLN C 78 40.14 -0.52 -1.54
C GLN C 78 39.22 0.66 -1.27
N ASN C 79 38.56 0.63 -0.13
CA ASN C 79 37.70 1.73 0.32
C ASN C 79 36.75 2.19 -0.78
N GLY C 80 36.03 1.24 -1.37
CA GLY C 80 34.98 1.60 -2.30
C GLY C 80 33.86 2.34 -1.60
N GLY C 81 33.08 3.07 -2.38
CA GLY C 81 31.98 3.85 -1.84
C GLY C 81 30.87 4.01 -2.84
N SER C 82 29.65 4.14 -2.32
CA SER C 82 28.48 4.33 -3.16
C SER C 82 27.61 5.44 -2.58
N ASN C 83 26.78 6.02 -3.44
CA ASN C 83 25.95 7.15 -3.07
C ASN C 83 24.70 6.77 -2.29
N ALA C 84 24.42 5.47 -2.13
CA ALA C 84 23.33 5.07 -1.25
C ALA C 84 23.77 4.99 0.21
N CYS C 85 25.08 5.09 0.47
CA CYS C 85 25.62 4.96 1.81
C CYS C 85 26.45 6.20 2.11
N LYS C 86 25.82 7.37 2.03
CA LYS C 86 26.51 8.63 2.28
C LYS C 86 26.52 8.95 3.76
N ARG C 87 27.69 9.36 4.27
CA ARG C 87 27.85 9.86 5.62
C ARG C 87 28.49 11.24 5.52
N ALA C 88 27.77 12.27 6.00
CA ALA C 88 28.13 13.66 5.73
C ALA C 88 28.20 13.91 4.23
N ASN C 89 27.39 13.15 3.48
CA ASN C 89 27.30 13.19 2.03
C ASN C 89 28.56 12.66 1.36
N VAL C 90 29.56 12.43 2.19
CA VAL C 90 30.75 11.80 1.60
C VAL C 90 30.20 10.48 1.08
N ASN C 91 30.50 10.13 -0.18
CA ASN C 91 30.04 8.80 -0.65
C ASN C 91 30.79 7.87 0.28
N ASP C 92 30.10 6.99 0.97
CA ASP C 92 30.84 6.23 1.99
C ASP C 92 30.39 4.78 2.00
N PHE C 93 30.81 4.04 3.01
CA PHE C 93 30.47 2.63 3.12
C PHE C 93 30.44 2.27 4.60
N PHE C 94 30.28 0.99 4.89
CA PHE C 94 30.34 0.53 6.27
C PHE C 94 31.75 0.74 6.81
N ASN C 95 31.86 1.38 7.97
CA ASN C 95 33.19 1.63 8.53
C ASN C 95 33.85 0.37 9.07
N ARG C 96 33.12 -0.76 9.09
CA ARG C 96 33.71 -2.04 9.44
C ARG C 96 33.92 -2.94 8.24
N LEU C 97 33.40 -2.57 7.08
CA LEU C 97 33.52 -3.36 5.87
C LEU C 97 34.38 -2.64 4.84
N ASN C 98 34.98 -3.41 3.94
CA ASN C 98 35.87 -2.88 2.91
C ASN C 98 35.45 -3.47 1.57
N TRP C 99 35.08 -2.60 0.63
CA TRP C 99 34.63 -3.02 -0.69
C TRP C 99 35.81 -2.97 -1.65
N LEU C 100 36.13 -4.11 -2.25
CA LEU C 100 37.30 -4.25 -3.12
C LEU C 100 36.87 -4.30 -4.56
N THR C 101 37.51 -3.49 -5.41
CA THR C 101 37.24 -3.46 -6.83
C THR C 101 38.55 -3.44 -7.61
N LYS C 102 38.46 -3.89 -8.86
CA LYS C 102 39.63 -3.94 -9.73
C LYS C 102 40.21 -2.56 -9.94
N SER C 103 41.52 -2.51 -10.23
CA SER C 103 42.20 -1.24 -10.44
C SER C 103 42.27 -0.89 -11.92
N GLY C 104 43.13 -1.59 -12.66
CA GLY C 104 43.23 -1.39 -14.10
C GLY C 104 42.83 -2.63 -14.85
N SER C 105 41.55 -3.01 -14.73
CA SER C 105 41.03 -4.26 -15.27
C SER C 105 41.90 -5.43 -14.85
N THR C 106 42.11 -5.54 -13.53
CA THR C 106 42.90 -6.63 -12.97
C THR C 106 42.43 -6.87 -11.53
N TYR C 107 41.59 -7.89 -11.36
CA TYR C 107 41.14 -8.34 -10.05
C TYR C 107 41.78 -9.70 -9.78
N PRO C 108 42.83 -9.78 -8.99
CA PRO C 108 43.54 -11.06 -8.84
C PRO C 108 42.91 -11.96 -7.78
N LEU C 109 43.18 -13.25 -7.94
CA LEU C 109 42.73 -14.24 -6.99
C LEU C 109 43.42 -14.02 -5.65
N GLN C 110 42.64 -13.77 -4.60
CA GLN C 110 43.20 -13.44 -3.30
C GLN C 110 43.30 -14.68 -2.42
N ASN C 111 44.20 -14.59 -1.43
CA ASN C 111 44.38 -15.69 -0.47
C ASN C 111 45.06 -15.09 0.77
N LEU C 112 44.24 -14.70 1.73
CA LEU C 112 44.72 -14.18 3.01
C LEU C 112 44.31 -15.11 4.14
N THR C 113 45.11 -15.12 5.19
CA THR C 113 44.88 -16.00 6.33
C THR C 113 45.11 -15.22 7.62
N LYS C 114 44.15 -15.29 8.54
CA LYS C 114 44.23 -14.58 9.81
C LYS C 114 44.03 -15.57 10.94
N ILE C 115 44.97 -15.58 11.89
CA ILE C 115 45.05 -16.60 12.92
C ILE C 115 44.74 -15.99 14.28
N ASN C 116 44.00 -16.72 15.11
CA ASN C 116 43.70 -16.33 16.48
C ASN C 116 44.39 -17.33 17.41
N ASN C 117 45.44 -16.86 18.10
CA ASN C 117 46.07 -17.60 19.18
C ASN C 117 45.78 -16.99 20.53
N GLY C 118 44.88 -16.01 20.60
CA GLY C 118 44.63 -15.26 21.80
C GLY C 118 43.71 -15.96 22.77
N ASP C 119 43.11 -15.16 23.65
CA ASP C 119 42.23 -15.65 24.70
C ASP C 119 40.82 -15.09 24.56
N TYR C 120 40.42 -14.75 23.34
CA TYR C 120 39.04 -14.37 23.06
C TYR C 120 38.66 -14.89 21.69
N ALA C 121 37.35 -15.00 21.46
CA ALA C 121 36.83 -15.45 20.18
C ALA C 121 36.57 -14.24 19.28
N ARG C 122 36.80 -14.42 17.99
CA ARG C 122 36.72 -13.33 17.03
C ARG C 122 35.53 -13.52 16.11
N LEU C 123 34.87 -12.41 15.79
CA LEU C 123 33.67 -12.40 14.96
C LEU C 123 33.97 -11.66 13.67
N TYR C 124 34.08 -12.39 12.57
CA TYR C 124 34.35 -11.82 11.27
C TYR C 124 33.06 -11.75 10.46
N ILE C 125 32.62 -10.53 10.16
CA ILE C 125 31.42 -10.29 9.37
C ILE C 125 31.86 -9.77 8.01
N TRP C 126 31.51 -10.52 6.96
CA TRP C 126 31.89 -10.20 5.58
C TRP C 126 30.67 -10.31 4.70
N GLY C 127 30.82 -9.91 3.43
CA GLY C 127 29.70 -9.88 2.52
C GLY C 127 30.09 -10.29 1.12
N VAL C 128 29.06 -10.46 0.28
CA VAL C 128 29.20 -10.79 -1.13
C VAL C 128 28.30 -9.87 -1.91
N HIS C 129 28.90 -9.02 -2.76
CA HIS C 129 28.13 -8.07 -3.54
C HIS C 129 27.54 -8.74 -4.77
N HIS C 130 26.25 -8.52 -5.00
CA HIS C 130 25.55 -9.10 -6.14
C HIS C 130 25.29 -8.02 -7.18
N PRO C 131 26.12 -7.91 -8.22
CA PRO C 131 25.88 -6.90 -9.25
C PRO C 131 24.58 -7.16 -9.98
N SER C 132 24.03 -6.08 -10.56
CA SER C 132 22.74 -6.19 -11.24
C SER C 132 22.88 -6.71 -12.67
N THR C 133 23.96 -6.38 -13.36
CA THR C 133 24.19 -6.85 -14.72
C THR C 133 25.62 -7.37 -14.84
N ASP C 134 25.82 -8.20 -15.87
CA ASP C 134 27.16 -8.71 -16.15
C ASP C 134 28.11 -7.62 -16.61
N GLN C 135 27.57 -6.50 -17.10
CA GLN C 135 28.40 -5.33 -17.39
C GLN C 135 28.78 -4.59 -16.11
N GLU C 136 27.86 -4.53 -15.14
CA GLU C 136 28.21 -3.93 -13.84
C GLU C 136 29.19 -4.81 -13.09
N GLN C 137 29.00 -6.12 -13.16
CA GLN C 137 29.95 -7.05 -12.55
C GLN C 137 31.36 -6.80 -13.10
N THR C 138 31.47 -6.66 -14.42
CA THR C 138 32.79 -6.51 -15.03
C THR C 138 33.38 -5.14 -14.75
N ASN C 139 32.54 -4.10 -14.70
CA ASN C 139 33.05 -2.76 -14.41
C ASN C 139 33.58 -2.63 -12.99
N LEU C 140 33.14 -3.51 -12.07
CA LEU C 140 33.61 -3.48 -10.70
C LEU C 140 34.66 -4.55 -10.43
N TYR C 141 34.35 -5.80 -10.74
CA TYR C 141 35.26 -6.92 -10.56
C TYR C 141 35.43 -7.59 -11.92
N LYS C 142 36.62 -7.42 -12.52
CA LYS C 142 36.90 -7.88 -13.88
C LYS C 142 36.38 -9.29 -14.17
N ASN C 143 36.75 -10.26 -13.32
CA ASN C 143 36.43 -11.65 -13.59
C ASN C 143 34.93 -11.90 -13.48
N ASN C 144 34.46 -12.89 -14.25
CA ASN C 144 33.08 -13.32 -14.24
C ASN C 144 33.12 -14.83 -14.43
N PRO C 145 32.44 -15.60 -13.57
CA PRO C 145 31.58 -15.13 -12.48
C PRO C 145 32.38 -14.70 -11.24
N GLY C 146 31.68 -14.30 -10.20
CA GLY C 146 32.34 -13.96 -8.95
C GLY C 146 32.55 -15.19 -8.09
N ARG C 147 33.36 -15.02 -7.05
CA ARG C 147 33.64 -16.14 -6.16
C ARG C 147 34.06 -15.61 -4.80
N VAL C 148 33.55 -16.22 -3.75
CA VAL C 148 33.98 -15.99 -2.38
C VAL C 148 34.00 -17.34 -1.67
N THR C 149 35.08 -17.61 -0.93
CA THR C 149 35.23 -18.90 -0.24
C THR C 149 36.03 -18.66 1.04
N VAL C 150 35.32 -18.46 2.14
CA VAL C 150 35.92 -18.22 3.44
C VAL C 150 35.93 -19.52 4.22
N SER C 151 37.07 -19.87 4.79
CA SER C 151 37.27 -21.18 5.41
C SER C 151 37.90 -21.07 6.78
N THR C 152 37.61 -22.07 7.61
CA THR C 152 38.30 -22.35 8.86
C THR C 152 38.83 -23.78 8.80
N LYS C 153 39.29 -24.28 9.95
CA LYS C 153 39.76 -25.66 9.98
C LYS C 153 38.62 -26.67 9.97
N THR C 154 37.44 -26.26 10.41
CA THR C 154 36.28 -27.13 10.46
C THR C 154 35.15 -26.68 9.55
N SER C 155 35.26 -25.51 8.90
CA SER C 155 34.16 -24.96 8.12
C SER C 155 34.69 -24.35 6.84
N GLN C 156 34.18 -24.84 5.70
CA GLN C 156 34.48 -24.31 4.37
C GLN C 156 33.16 -23.83 3.76
N THR C 157 33.04 -22.53 3.55
CA THR C 157 31.86 -21.91 2.98
C THR C 157 32.22 -21.21 1.68
N SER C 158 31.39 -21.42 0.65
CA SER C 158 31.63 -20.85 -0.67
C SER C 158 30.35 -20.20 -1.16
N VAL C 159 30.44 -18.93 -1.56
CA VAL C 159 29.28 -18.17 -2.02
C VAL C 159 29.47 -17.82 -3.49
N VAL C 160 28.44 -18.06 -4.28
CA VAL C 160 28.41 -17.71 -5.70
C VAL C 160 27.39 -16.58 -5.87
N PRO C 161 27.78 -15.41 -6.39
CA PRO C 161 26.85 -14.30 -6.49
C PRO C 161 25.70 -14.59 -7.44
N ASN C 162 24.57 -13.94 -7.19
CA ASN C 162 23.38 -14.04 -8.03
C ASN C 162 23.19 -12.70 -8.72
N ILE C 163 23.54 -12.64 -9.99
CA ILE C 163 23.38 -11.40 -10.76
C ILE C 163 21.92 -11.25 -11.17
N GLY C 164 21.39 -10.04 -11.04
CA GLY C 164 20.01 -9.78 -11.40
C GLY C 164 19.56 -8.44 -10.86
N SER C 165 18.39 -8.03 -11.32
CA SER C 165 17.80 -6.76 -10.93
C SER C 165 16.77 -6.99 -9.83
N ARG C 166 17.03 -6.43 -8.66
CA ARG C 166 16.15 -6.54 -7.50
C ARG C 166 15.32 -5.27 -7.34
N PRO C 167 14.33 -5.29 -6.45
CA PRO C 167 13.57 -4.06 -6.20
C PRO C 167 14.46 -2.92 -5.78
N TRP C 168 14.00 -1.70 -6.05
CA TRP C 168 14.82 -0.51 -5.82
C TRP C 168 14.77 -0.11 -4.36
N VAL C 169 15.94 -0.14 -3.71
CA VAL C 169 16.11 0.35 -2.35
C VAL C 169 17.20 1.43 -2.41
N ARG C 170 16.85 2.64 -1.97
CA ARG C 170 17.70 3.82 -2.15
C ARG C 170 18.04 4.01 -3.61
N GLY C 171 17.11 3.55 -4.43
CA GLY C 171 17.24 3.68 -5.88
C GLY C 171 18.26 2.72 -6.40
N LEU C 172 18.52 1.63 -5.68
CA LEU C 172 19.54 0.70 -6.21
C LEU C 172 18.97 -0.71 -6.33
N SER C 173 19.32 -1.42 -7.39
CA SER C 173 18.85 -2.80 -7.56
C SER C 173 19.92 -3.82 -7.15
N SER C 174 21.20 -3.47 -7.04
CA SER C 174 22.10 -4.52 -6.59
C SER C 174 21.93 -4.77 -5.08
N ARG C 175 22.54 -5.85 -4.60
CA ARG C 175 22.44 -6.23 -3.20
C ARG C 175 23.80 -6.71 -2.70
N ILE C 176 23.89 -6.85 -1.38
CA ILE C 176 25.07 -7.39 -0.71
C ILE C 176 24.59 -8.38 0.33
N SER C 177 24.97 -9.65 0.17
CA SER C 177 24.58 -10.69 1.10
C SER C 177 25.65 -10.79 2.19
N PHE C 178 25.26 -10.51 3.43
CA PHE C 178 26.18 -10.50 4.55
C PHE C 178 26.14 -11.82 5.30
N TYR C 179 27.31 -12.40 5.52
CA TYR C 179 27.48 -13.63 6.29
C TYR C 179 28.42 -13.34 7.46
N TRP C 180 28.61 -14.33 8.33
CA TRP C 180 29.54 -14.18 9.44
C TRP C 180 30.29 -15.50 9.63
N THR C 181 31.42 -15.41 10.33
CA THR C 181 32.27 -16.56 10.61
C THR C 181 32.93 -16.34 11.95
N ILE C 182 32.76 -17.29 12.86
CA ILE C 182 33.29 -17.19 14.22
C ILE C 182 34.56 -18.03 14.32
N VAL C 183 35.65 -17.42 14.75
CA VAL C 183 36.94 -18.08 14.84
C VAL C 183 37.30 -18.20 16.31
N GLU C 184 37.21 -19.41 16.84
CA GLU C 184 37.58 -19.66 18.22
C GLU C 184 39.10 -19.69 18.36
N PRO C 185 39.62 -19.54 19.57
CA PRO C 185 41.07 -19.63 19.77
C PRO C 185 41.62 -20.94 19.24
N GLY C 186 42.75 -20.85 18.54
CA GLY C 186 43.35 -21.98 17.89
C GLY C 186 42.93 -22.17 16.44
N ASP C 187 41.78 -21.61 16.06
CA ASP C 187 41.30 -21.70 14.69
C ASP C 187 41.79 -20.50 13.88
N LEU C 188 41.58 -20.58 12.57
CA LEU C 188 42.00 -19.49 11.68
C LEU C 188 40.99 -19.36 10.55
N ILE C 189 41.17 -18.32 9.74
CA ILE C 189 40.22 -17.96 8.69
C ILE C 189 40.99 -17.65 7.42
N VAL C 190 40.39 -17.98 6.27
CA VAL C 190 41.04 -17.83 4.97
C VAL C 190 40.06 -17.19 3.99
N PHE C 191 40.28 -15.92 3.67
CA PHE C 191 39.51 -15.28 2.61
C PHE C 191 40.14 -15.59 1.25
N ASN C 192 39.29 -15.90 0.28
CA ASN C 192 39.76 -16.33 -1.04
C ASN C 192 38.70 -15.94 -2.05
N THR C 193 39.03 -15.05 -2.97
CA THR C 193 38.00 -14.57 -3.90
C THR C 193 38.63 -14.23 -5.24
N ILE C 194 37.79 -14.28 -6.28
CA ILE C 194 38.12 -13.72 -7.58
C ILE C 194 37.21 -12.55 -7.93
N GLY C 195 36.34 -12.17 -7.01
CA GLY C 195 35.44 -11.05 -7.22
C GLY C 195 34.34 -11.04 -6.17
N ASN C 196 33.65 -9.91 -6.10
CA ASN C 196 32.44 -9.71 -5.31
C ASN C 196 32.64 -9.79 -3.81
N LEU C 197 33.88 -9.76 -3.33
CA LEU C 197 34.11 -9.86 -1.90
C LEU C 197 33.90 -8.50 -1.23
N ILE C 198 33.01 -8.46 -0.24
CA ILE C 198 32.88 -7.31 0.64
C ILE C 198 33.75 -7.63 1.86
N ALA C 199 35.04 -7.34 1.73
CA ALA C 199 36.02 -7.75 2.71
C ALA C 199 35.79 -7.07 4.05
N PRO C 200 36.18 -7.72 5.15
CA PRO C 200 36.06 -7.12 6.47
C PRO C 200 37.30 -6.33 6.84
N ARG C 201 37.11 -5.41 7.79
CA ARG C 201 38.19 -4.57 8.30
C ARG C 201 38.73 -5.04 9.63
N GLY C 202 38.23 -6.16 10.15
CA GLY C 202 38.70 -6.67 11.43
C GLY C 202 37.69 -7.64 12.02
N HIS C 203 37.69 -7.71 13.35
CA HIS C 203 36.83 -8.63 14.08
C HIS C 203 36.35 -7.99 15.37
N TYR C 204 35.19 -8.43 15.83
CA TYR C 204 34.66 -8.03 17.12
C TYR C 204 35.06 -9.04 18.18
N LYS C 205 35.20 -8.57 19.42
CA LYS C 205 35.58 -9.44 20.52
C LYS C 205 34.35 -10.14 21.08
N LEU C 206 34.44 -11.45 21.26
CA LEU C 206 33.35 -12.26 21.77
C LEU C 206 33.63 -12.67 23.21
N ASN C 207 32.62 -12.53 24.07
CA ASN C 207 32.73 -13.00 25.44
C ASN C 207 32.42 -14.49 25.49
N SER C 208 33.18 -15.21 26.31
CA SER C 208 32.95 -16.65 26.44
C SER C 208 31.63 -16.94 27.15
N GLN C 209 31.22 -16.06 28.06
CA GLN C 209 29.90 -16.14 28.70
C GLN C 209 29.07 -14.97 28.20
N LYS C 210 28.04 -15.28 27.42
CA LYS C 210 27.17 -14.28 26.82
C LYS C 210 25.85 -14.27 27.58
N LYS C 211 25.66 -13.24 28.41
CA LYS C 211 24.49 -13.12 29.28
C LYS C 211 23.50 -12.06 28.83
N SER C 212 23.81 -11.30 27.78
CA SER C 212 22.94 -10.20 27.38
C SER C 212 21.77 -10.71 26.54
N THR C 213 20.80 -9.82 26.32
CA THR C 213 19.62 -10.11 25.51
C THR C 213 19.19 -8.83 24.80
N ILE C 214 18.18 -8.93 23.94
CA ILE C 214 17.73 -7.81 23.12
C ILE C 214 16.27 -7.51 23.44
N LEU C 215 15.87 -6.29 23.09
CA LEU C 215 14.48 -5.89 23.27
C LEU C 215 14.11 -4.89 22.17
N ASN C 216 12.80 -4.76 21.92
CA ASN C 216 12.28 -3.97 20.81
C ASN C 216 11.08 -3.15 21.34
N THR C 217 11.36 -2.01 21.98
CA THR C 217 10.42 -1.37 22.90
C THR C 217 9.92 -0.02 22.35
N ALA C 218 9.86 1.01 23.18
CA ALA C 218 9.23 2.28 22.88
C ALA C 218 9.91 3.49 23.51
N VAL C 219 10.58 3.32 24.65
CA VAL C 219 11.11 4.46 25.40
C VAL C 219 12.41 4.09 26.12
N PRO C 220 13.15 5.06 26.67
CA PRO C 220 14.29 4.72 27.52
C PRO C 220 13.89 4.61 28.98
N ILE C 221 14.55 3.67 29.66
CA ILE C 221 14.27 3.25 31.04
C ILE C 221 13.40 4.19 31.87
C1 NGA D . 27.56 3.53 -5.93
C2 NGA D . 28.62 2.43 -6.11
C3 NGA D . 28.60 1.77 -7.47
C4 NGA D . 27.18 1.41 -7.74
C5 NGA D . 26.54 2.75 -7.88
C6 NGA D . 25.34 2.57 -8.77
C7 NGA D . 31.08 2.33 -6.38
C8 NGA D . 31.32 2.52 -7.83
N2 NGA D . 29.98 2.92 -5.90
O3 NGA D . 29.35 0.57 -7.49
O4 NGA D . 26.68 0.71 -6.61
O5 NGA D . 26.31 3.30 -6.58
O6 NGA D . 25.78 1.85 -9.94
O7 NGA D . 31.84 1.66 -5.71
#